data_3W7Q
#
_entry.id   3W7Q
#
_cell.length_a   68.069
_cell.length_b   71.680
_cell.length_c   129.618
_cell.angle_alpha   90.00
_cell.angle_beta   90.00
_cell.angle_gamma   90.00
#
_symmetry.space_group_name_H-M   'P 21 21 21'
#
loop_
_entity.id
_entity.type
_entity.pdbx_description
1 polymer 'Dihydroorotate dehydrogenase (fumarate)'
2 non-polymer '5-{2-[1-(tert-butoxycarbonyl)-2,3-dihydro-1H-indol-5-yl]ethyl}-2,6-dioxo-1,2,3,6-tetrahydropyrimidine-4-carboxylic acid'
3 non-polymer GLYCEROL
4 non-polymer 'FLAVIN MONONUCLEOTIDE'
5 non-polymer 'COBALT HEXAMMINE(III)'
6 water water
#
_entity_poly.entity_id   1
_entity_poly.type   'polypeptide(L)'
_entity_poly.pdbx_seq_one_letter_code
;MCLKLNLLDHVFANPFMNAAGVLCSTEEDLRCMTASSSGALVSKSCTSAPRDGNPEPRYMAFPLGSINSMGLPNLGFDFY
LKYASDLHDYSKKPLFLSISGLSVEENVAMVRRLAPVAQEKGVLLELNLSCPNVPGKPQVAYDFEAMRTYLQQVSLAYGL
PFGVKMPPYFDIAHFDTAAAVLNEFPLVKFVTCVNSVGNGLVIDAESESVVIKPKQGFGGLGGKYILPTALANVNAFYRR
CPDKLVFGCGGVYSGEDAFLHILAGASMVQVGTALQEEGPGIFTRLEDELLEIMARKGYRTLEEFRGRVKTIE
;
_entity_poly.pdbx_strand_id   A,B
#
# COMPACT_ATOMS: atom_id res chain seq x y z
N MET A 1 9.73 11.49 -33.88
CA MET A 1 9.36 11.16 -32.52
C MET A 1 7.84 11.18 -32.37
N CYS A 2 7.25 10.11 -31.86
CA CYS A 2 5.81 10.09 -31.72
C CYS A 2 5.23 9.28 -30.58
N LEU A 3 4.12 9.79 -30.11
CA LEU A 3 3.41 9.19 -29.00
C LEU A 3 2.21 8.29 -29.36
N LYS A 4 2.01 8.06 -30.66
CA LYS A 4 0.88 7.30 -31.23
C LYS A 4 0.94 5.85 -30.73
N LEU A 5 -0.22 5.29 -30.49
CA LEU A 5 -0.49 3.90 -30.22
C LEU A 5 -1.70 3.40 -31.02
N ASN A 6 -1.46 2.18 -31.42
N ASN A 6 -1.48 2.17 -31.40
CA ASN A 6 -2.50 1.37 -31.99
CA ASN A 6 -2.51 1.42 -32.03
C ASN A 6 -2.57 0.19 -31.13
C ASN A 6 -2.61 0.19 -31.22
N LEU A 7 -3.73 0.09 -30.69
CA LEU A 7 -4.24 -1.03 -29.89
C LEU A 7 -5.72 -1.22 -29.64
N LEU A 8 -6.11 -2.47 -29.41
CA LEU A 8 -7.51 -2.77 -29.25
C LEU A 8 -8.32 -2.27 -30.47
N ASP A 9 -7.75 -2.31 -31.64
N ASP A 9 -7.76 -2.29 -31.65
CA ASP A 9 -8.40 -1.90 -32.88
CA ASP A 9 -8.43 -1.92 -32.89
C ASP A 9 -8.89 -0.47 -32.82
C ASP A 9 -8.88 -0.47 -32.84
N HIS A 10 -8.16 0.30 -32.06
CA HIS A 10 -8.20 1.76 -32.04
C HIS A 10 -6.89 2.45 -32.15
N VAL A 11 -6.93 3.71 -32.51
CA VAL A 11 -5.78 4.57 -32.64
C VAL A 11 -5.85 5.72 -31.64
N PHE A 12 -4.74 5.91 -30.95
CA PHE A 12 -4.62 6.87 -29.90
C PHE A 12 -3.51 7.87 -30.22
N ALA A 13 -3.81 9.15 -30.09
CA ALA A 13 -2.76 10.15 -30.36
C ALA A 13 -1.58 10.08 -29.41
N ASN A 14 -1.87 9.64 -28.17
CA ASN A 14 -0.88 9.61 -27.11
C ASN A 14 -1.39 8.65 -26.06
N PRO A 15 -0.56 8.25 -25.10
CA PRO A 15 -1.09 7.25 -24.18
C PRO A 15 -1.90 7.74 -22.97
N PHE A 16 -2.11 9.04 -22.87
CA PHE A 16 -2.68 9.62 -21.63
C PHE A 16 -4.13 9.63 -21.67
N MET A 17 -4.71 9.38 -20.49
CA MET A 17 -6.18 9.48 -20.32
C MET A 17 -6.47 9.76 -18.84
N ASN A 18 -7.66 10.24 -18.54
CA ASN A 18 -8.06 10.33 -17.14
C ASN A 18 -8.14 8.92 -16.52
N ALA A 19 -8.01 8.88 -15.19
CA ALA A 19 -8.38 7.66 -14.45
C ALA A 19 -9.88 7.69 -14.17
N ALA A 20 -10.55 6.58 -14.16
CA ALA A 20 -11.95 6.56 -13.88
C ALA A 20 -12.22 7.26 -12.52
N GLY A 21 -13.28 8.08 -12.54
CA GLY A 21 -13.77 8.80 -11.48
C GLY A 21 -13.30 10.22 -11.50
N VAL A 22 -12.26 10.54 -12.23
CA VAL A 22 -11.82 11.93 -12.31
C VAL A 22 -12.23 12.63 -13.64
N LEU A 23 -12.90 13.78 -13.52
CA LEU A 23 -13.33 14.58 -14.64
C LEU A 23 -14.07 13.75 -15.66
N CYS A 24 -14.98 12.93 -15.18
CA CYS A 24 -15.74 12.09 -16.07
C CYS A 24 -17.16 11.66 -15.61
N SER A 25 -17.78 12.41 -14.71
CA SER A 25 -19.06 12.06 -14.15
C SER A 25 -20.31 12.59 -14.90
N THR A 26 -20.16 13.78 -15.46
CA THR A 26 -21.24 14.51 -16.10
C THR A 26 -20.97 14.69 -17.60
N GLU A 27 -22.00 15.03 -18.37
CA GLU A 27 -21.81 15.34 -19.76
C GLU A 27 -20.75 16.43 -19.91
N GLU A 28 -20.83 17.43 -19.04
CA GLU A 28 -19.89 18.53 -19.06
C GLU A 28 -18.45 17.95 -18.91
N ASP A 29 -18.25 17.11 -17.92
CA ASP A 29 -16.93 16.53 -17.63
C ASP A 29 -16.44 15.78 -18.88
N LEU A 30 -17.32 15.01 -19.49
CA LEU A 30 -16.93 14.14 -20.60
C LEU A 30 -16.61 14.97 -21.83
N ARG A 31 -17.38 16.03 -22.07
CA ARG A 31 -17.03 16.97 -23.14
C ARG A 31 -15.69 17.68 -22.89
N CYS A 32 -15.41 17.98 -21.64
CA CYS A 32 -14.19 18.65 -21.26
C CYS A 32 -13.01 17.69 -21.50
N MET A 33 -13.15 16.42 -21.06
CA MET A 33 -12.07 15.51 -21.32
C MET A 33 -11.89 15.32 -22.84
N THR A 34 -12.97 15.23 -23.57
CA THR A 34 -12.87 15.11 -25.06
C THR A 34 -12.13 16.26 -25.72
N ALA A 35 -12.40 17.50 -25.30
CA ALA A 35 -11.75 18.71 -25.77
C ALA A 35 -10.25 18.81 -25.39
N SER A 36 -9.82 18.05 -24.39
CA SER A 36 -8.47 18.08 -23.94
C SER A 36 -7.51 17.34 -24.92
N SER A 37 -6.22 17.44 -24.69
N SER A 37 -6.21 17.46 -24.69
CA SER A 37 -5.26 16.75 -25.56
CA SER A 37 -5.24 16.74 -25.55
C SER A 37 -4.97 15.34 -25.06
C SER A 37 -5.04 15.30 -25.14
N SER A 38 -5.79 14.80 -24.16
CA SER A 38 -5.70 13.40 -23.84
C SER A 38 -5.85 12.50 -25.06
N GLY A 39 -5.21 11.33 -25.02
CA GLY A 39 -5.38 10.37 -26.15
C GLY A 39 -6.66 9.57 -26.04
N ALA A 40 -7.26 9.45 -24.82
CA ALA A 40 -8.57 8.81 -24.65
C ALA A 40 -9.21 9.36 -23.36
N LEU A 41 -10.42 8.89 -23.08
CA LEU A 41 -11.07 9.17 -21.82
C LEU A 41 -11.87 7.98 -21.39
N VAL A 42 -12.12 7.93 -20.09
CA VAL A 42 -12.97 6.88 -19.51
C VAL A 42 -14.05 7.54 -18.68
N SER A 43 -15.25 6.98 -18.70
CA SER A 43 -16.36 7.50 -17.92
C SER A 43 -16.31 7.04 -16.47
N LYS A 44 -16.98 7.80 -15.59
CA LYS A 44 -17.12 7.43 -14.23
C LYS A 44 -17.77 6.06 -14.07
N SER A 45 -17.21 5.25 -13.16
CA SER A 45 -17.72 3.90 -12.87
C SER A 45 -19.21 4.04 -12.55
N CYS A 46 -20.04 3.29 -13.25
CA CYS A 46 -21.45 3.41 -13.06
C CYS A 46 -22.12 2.18 -12.44
N THR A 47 -23.35 2.44 -11.95
CA THR A 47 -24.24 1.43 -11.43
C THR A 47 -25.53 1.50 -12.22
N SER A 48 -26.40 0.48 -12.09
CA SER A 48 -27.66 0.50 -12.83
C SER A 48 -28.49 1.73 -12.56
N ALA A 49 -28.59 2.11 -11.30
CA ALA A 49 -29.39 3.29 -10.91
C ALA A 49 -28.44 4.45 -10.61
N PRO A 50 -28.93 5.71 -10.79
CA PRO A 50 -28.11 6.86 -10.36
C PRO A 50 -27.87 6.76 -8.83
N ARG A 51 -26.75 7.32 -8.40
CA ARG A 51 -26.33 7.33 -7.01
C ARG A 51 -25.82 8.70 -6.62
N ASP A 52 -26.17 9.11 -5.38
CA ASP A 52 -25.66 10.38 -4.79
C ASP A 52 -24.22 10.26 -4.20
N GLY A 53 -23.87 9.08 -3.84
CA GLY A 53 -22.60 8.69 -3.18
C GLY A 53 -22.64 9.01 -1.71
N ASN A 54 -21.46 9.00 -1.13
CA ASN A 54 -21.27 9.18 0.32
C ASN A 54 -21.38 10.62 0.74
N PRO A 55 -21.56 10.87 2.07
CA PRO A 55 -21.58 12.21 2.57
C PRO A 55 -20.26 12.98 2.37
N GLU A 56 -20.33 14.29 2.12
CA GLU A 56 -19.16 15.14 2.05
C GLU A 56 -18.70 15.67 3.40
N PRO A 57 -17.41 15.92 3.54
CA PRO A 57 -16.33 15.83 2.58
C PRO A 57 -15.93 14.40 2.33
N ARG A 58 -15.68 14.05 1.05
CA ARG A 58 -15.40 12.69 0.70
C ARG A 58 -14.17 12.57 -0.24
N TYR A 59 -13.56 13.68 -0.57
CA TYR A 59 -12.30 13.74 -1.28
C TYR A 59 -11.48 14.83 -0.69
N MET A 60 -10.20 14.58 -0.45
CA MET A 60 -9.29 15.65 -0.05
C MET A 60 -7.93 15.38 -0.66
N ALA A 61 -7.25 16.46 -1.04
CA ALA A 61 -5.88 16.33 -1.58
C ALA A 61 -4.84 17.13 -0.84
N PHE A 62 -3.59 16.73 -0.95
CA PHE A 62 -2.48 17.21 -0.16
C PHE A 62 -1.27 17.09 -1.01
N PRO A 63 -0.10 17.65 -0.56
CA PRO A 63 1.12 17.62 -1.39
C PRO A 63 1.51 16.28 -1.94
N LEU A 64 1.31 15.23 -1.14
CA LEU A 64 1.76 13.88 -1.56
C LEU A 64 0.66 13.02 -2.19
N GLY A 65 -0.56 13.52 -2.27
CA GLY A 65 -1.65 12.77 -2.90
C GLY A 65 -3.03 13.04 -2.38
N SER A 66 -3.91 12.05 -2.49
CA SER A 66 -5.31 12.26 -2.14
C SER A 66 -5.87 11.02 -1.41
N ILE A 67 -7.00 11.27 -0.75
CA ILE A 67 -7.80 10.29 -0.10
C ILE A 67 -9.25 10.47 -0.46
N ASN A 68 -9.96 9.37 -0.74
CA ASN A 68 -11.37 9.47 -1.10
C ASN A 68 -12.21 8.31 -0.61
N SER A 69 -13.48 8.60 -0.32
N SER A 69 -13.48 8.60 -0.32
CA SER A 69 -14.50 7.54 -0.14
CA SER A 69 -14.49 7.55 -0.17
C SER A 69 -15.75 8.06 -0.81
C SER A 69 -15.74 8.12 -0.81
N MET A 70 -15.69 8.20 -2.14
CA MET A 70 -16.77 8.82 -2.87
C MET A 70 -18.08 8.04 -2.76
N GLY A 71 -17.99 6.73 -2.81
CA GLY A 71 -19.16 5.90 -2.79
C GLY A 71 -19.97 5.75 -4.06
N LEU A 72 -19.27 5.77 -5.18
CA LEU A 72 -19.84 5.60 -6.48
C LEU A 72 -20.94 6.60 -6.87
N PRO A 73 -20.73 7.86 -6.59
CA PRO A 73 -21.76 8.79 -7.11
C PRO A 73 -21.70 8.77 -8.62
N ASN A 74 -22.82 8.62 -9.27
CA ASN A 74 -22.85 8.56 -10.69
C ASN A 74 -24.24 8.77 -11.27
N LEU A 75 -24.31 9.07 -12.55
CA LEU A 75 -25.59 9.42 -13.16
C LEU A 75 -26.42 8.20 -13.58
N GLY A 76 -25.84 7.05 -13.41
CA GLY A 76 -26.49 5.76 -13.77
C GLY A 76 -26.13 5.34 -15.19
N PHE A 77 -26.21 4.03 -15.40
CA PHE A 77 -25.77 3.39 -16.59
C PHE A 77 -26.44 3.95 -17.81
N ASP A 78 -27.75 4.22 -17.77
CA ASP A 78 -28.38 4.66 -18.97
C ASP A 78 -27.74 5.97 -19.52
N PHE A 79 -27.40 6.86 -18.60
CA PHE A 79 -26.75 8.06 -19.00
C PHE A 79 -25.43 7.81 -19.72
N TYR A 80 -24.56 7.01 -19.14
CA TYR A 80 -23.28 6.71 -19.78
C TYR A 80 -23.41 5.92 -21.09
N LEU A 81 -24.36 5.03 -21.13
CA LEU A 81 -24.68 4.28 -22.40
C LEU A 81 -25.13 5.23 -23.51
N LYS A 82 -26.02 6.15 -23.17
CA LYS A 82 -26.41 7.22 -24.07
C LYS A 82 -25.25 8.09 -24.55
N TYR A 83 -24.38 8.47 -23.62
CA TYR A 83 -23.21 9.30 -23.99
C TYR A 83 -22.40 8.50 -25.02
N ALA A 84 -22.21 7.21 -24.75
CA ALA A 84 -21.44 6.37 -25.67
C ALA A 84 -22.14 6.17 -27.04
N SER A 85 -23.46 5.98 -26.98
N SER A 85 -23.46 5.98 -26.97
CA SER A 85 -24.21 5.62 -28.16
CA SER A 85 -24.22 5.66 -28.13
C SER A 85 -24.54 6.87 -29.01
C SER A 85 -24.46 6.91 -29.01
N ASP A 86 -24.81 8.03 -28.39
CA ASP A 86 -25.35 9.19 -29.10
C ASP A 86 -24.53 10.47 -29.05
N LEU A 87 -23.72 10.68 -28.03
CA LEU A 87 -23.12 11.98 -27.79
C LEU A 87 -21.65 12.04 -28.07
N HIS A 88 -20.93 10.99 -27.74
CA HIS A 88 -19.47 11.02 -27.89
C HIS A 88 -19.04 11.15 -29.35
N ASP A 89 -18.11 12.07 -29.63
CA ASP A 89 -17.48 12.15 -30.96
C ASP A 89 -16.23 11.26 -31.03
N TYR A 90 -16.39 10.07 -31.64
CA TYR A 90 -15.33 9.11 -31.70
C TYR A 90 -14.22 9.54 -32.67
N SER A 91 -14.46 10.53 -33.52
CA SER A 91 -13.40 11.06 -34.37
C SER A 91 -12.38 11.86 -33.53
N LYS A 92 -12.75 12.33 -32.33
CA LYS A 92 -11.85 13.02 -31.42
C LYS A 92 -10.86 12.07 -30.75
N LYS A 93 -11.38 11.05 -30.09
CA LYS A 93 -10.55 10.06 -29.44
C LYS A 93 -11.42 8.86 -29.03
N PRO A 94 -10.80 7.76 -28.65
CA PRO A 94 -11.60 6.65 -28.17
C PRO A 94 -12.15 6.88 -26.74
N LEU A 95 -13.23 6.21 -26.46
CA LEU A 95 -13.98 6.24 -25.23
C LEU A 95 -13.99 4.85 -24.59
N PHE A 96 -13.65 4.82 -23.30
CA PHE A 96 -13.82 3.68 -22.40
C PHE A 96 -15.00 4.00 -21.48
N LEU A 97 -15.82 3.01 -21.22
CA LEU A 97 -16.93 3.10 -20.27
C LEU A 97 -16.63 2.17 -19.13
N SER A 98 -16.58 2.70 -17.94
CA SER A 98 -16.29 1.92 -16.76
C SER A 98 -17.58 1.54 -16.06
N ILE A 99 -17.64 0.32 -15.62
CA ILE A 99 -18.78 -0.21 -14.94
C ILE A 99 -18.37 -0.76 -13.57
N SER A 100 -19.18 -0.50 -12.59
CA SER A 100 -18.87 -0.99 -11.29
C SER A 100 -20.09 -1.40 -10.48
N GLY A 101 -20.79 -2.43 -10.93
CA GLY A 101 -21.96 -2.92 -10.26
C GLY A 101 -21.65 -3.45 -8.87
N LEU A 102 -22.61 -3.39 -7.98
CA LEU A 102 -22.40 -3.81 -6.61
C LEU A 102 -22.64 -5.33 -6.35
N SER A 103 -22.96 -6.03 -7.41
CA SER A 103 -23.15 -7.49 -7.42
C SER A 103 -22.86 -7.97 -8.79
N VAL A 104 -22.57 -9.27 -8.93
CA VAL A 104 -22.36 -9.83 -10.28
C VAL A 104 -23.58 -9.62 -11.12
N GLU A 105 -24.79 -9.78 -10.56
CA GLU A 105 -25.99 -9.61 -11.40
C GLU A 105 -26.16 -8.23 -12.06
N GLU A 106 -25.87 -7.20 -11.27
CA GLU A 106 -25.91 -5.83 -11.74
C GLU A 106 -24.91 -5.62 -12.91
N ASN A 107 -23.69 -6.16 -12.78
CA ASN A 107 -22.70 -6.08 -13.88
C ASN A 107 -23.18 -6.79 -15.13
N VAL A 108 -23.77 -7.99 -14.98
CA VAL A 108 -24.28 -8.73 -16.12
C VAL A 108 -25.37 -7.92 -16.84
N ALA A 109 -26.26 -7.34 -16.06
CA ALA A 109 -27.34 -6.57 -16.62
C ALA A 109 -26.85 -5.38 -17.48
N MET A 110 -25.82 -4.68 -17.00
CA MET A 110 -25.26 -3.56 -17.72
C MET A 110 -24.51 -4.08 -18.94
N VAL A 111 -23.67 -5.10 -18.78
CA VAL A 111 -22.84 -5.48 -19.99
C VAL A 111 -23.69 -6.05 -21.13
N ARG A 112 -24.83 -6.65 -20.81
CA ARG A 112 -25.69 -7.17 -21.87
C ARG A 112 -26.15 -6.08 -22.78
N ARG A 113 -26.54 -4.98 -22.17
CA ARG A 113 -26.95 -3.76 -22.85
C ARG A 113 -25.87 -2.92 -23.56
N LEU A 114 -24.68 -2.90 -23.00
CA LEU A 114 -23.51 -2.26 -23.58
C LEU A 114 -23.06 -2.93 -24.87
N ALA A 115 -23.21 -4.24 -24.92
CA ALA A 115 -22.59 -5.00 -25.95
C ALA A 115 -22.94 -4.56 -27.35
N PRO A 116 -24.20 -4.35 -27.68
CA PRO A 116 -24.52 -3.86 -29.07
C PRO A 116 -23.89 -2.46 -29.38
N VAL A 117 -23.76 -1.60 -28.36
CA VAL A 117 -23.18 -0.27 -28.55
C VAL A 117 -21.67 -0.41 -28.75
N ALA A 118 -21.04 -1.26 -27.98
CA ALA A 118 -19.63 -1.55 -28.11
C ALA A 118 -19.34 -2.08 -29.51
N GLN A 119 -20.09 -3.05 -29.96
CA GLN A 119 -19.95 -3.54 -31.34
C GLN A 119 -20.15 -2.48 -32.42
N GLU A 120 -21.16 -1.65 -32.28
N GLU A 120 -21.20 -1.67 -32.31
CA GLU A 120 -21.51 -0.68 -33.30
CA GLU A 120 -21.50 -0.64 -33.29
C GLU A 120 -20.68 0.63 -33.27
C GLU A 120 -20.52 0.51 -33.26
N LYS A 121 -20.34 1.13 -32.07
CA LYS A 121 -19.59 2.43 -31.95
C LYS A 121 -18.12 2.27 -31.54
N GLY A 122 -17.79 1.17 -30.93
CA GLY A 122 -16.43 0.87 -30.59
C GLY A 122 -16.06 1.33 -29.15
N VAL A 123 -17.05 1.79 -28.36
CA VAL A 123 -16.77 1.99 -26.90
C VAL A 123 -16.17 0.77 -26.25
N LEU A 124 -15.17 1.01 -25.39
CA LEU A 124 -14.42 -0.06 -24.75
C LEU A 124 -14.78 -0.23 -23.26
N LEU A 125 -15.04 -1.42 -22.80
CA LEU A 125 -15.45 -1.66 -21.41
C LEU A 125 -14.27 -1.82 -20.47
N GLU A 126 -14.29 -1.07 -19.37
CA GLU A 126 -13.36 -1.27 -18.27
C GLU A 126 -14.22 -1.68 -17.08
N LEU A 127 -14.11 -2.95 -16.71
CA LEU A 127 -14.87 -3.49 -15.54
C LEU A 127 -14.09 -3.27 -14.29
N ASN A 128 -14.68 -2.58 -13.31
CA ASN A 128 -13.97 -2.31 -12.09
C ASN A 128 -14.15 -3.44 -11.10
N LEU A 129 -13.05 -4.14 -10.81
CA LEU A 129 -13.05 -5.19 -9.82
C LEU A 129 -12.63 -4.77 -8.43
N SER A 130 -12.12 -3.54 -8.34
N SER A 130 -12.23 -3.50 -8.28
CA SER A 130 -11.57 -3.01 -7.11
CA SER A 130 -11.79 -2.96 -6.98
C SER A 130 -12.75 -2.35 -6.53
C SER A 130 -12.97 -2.33 -6.42
N CYS A 131 -13.72 -3.14 -6.07
N CYS A 131 -13.91 -3.17 -6.00
CA CYS A 131 -14.93 -2.59 -5.50
CA CYS A 131 -15.23 -2.71 -5.76
C CYS A 131 -15.59 -3.57 -4.47
C CYS A 131 -15.97 -3.64 -4.76
N PRO A 132 -16.55 -3.07 -3.66
CA PRO A 132 -17.38 -3.89 -2.77
C PRO A 132 -18.31 -4.89 -3.39
N ASN A 133 -18.46 -5.97 -2.66
CA ASN A 133 -19.43 -7.01 -2.93
C ASN A 133 -20.29 -7.08 -1.67
N VAL A 134 -20.24 -8.19 -0.96
CA VAL A 134 -20.93 -8.29 0.30
C VAL A 134 -20.18 -7.57 1.43
N PRO A 135 -20.95 -6.65 2.19
CA PRO A 135 -20.23 -6.08 3.34
C PRO A 135 -19.74 -7.17 4.31
N GLY A 136 -18.54 -7.06 4.85
CA GLY A 136 -17.85 -8.09 5.61
C GLY A 136 -17.04 -9.08 4.83
N LYS A 137 -17.15 -9.06 3.51
CA LYS A 137 -16.20 -9.73 2.66
C LYS A 137 -15.28 -8.68 2.02
N PRO A 138 -14.14 -9.13 1.57
CA PRO A 138 -13.20 -8.23 0.87
C PRO A 138 -13.72 -7.77 -0.42
N GLN A 139 -13.16 -6.67 -0.93
CA GLN A 139 -13.50 -6.23 -2.26
C GLN A 139 -13.33 -7.39 -3.25
N VAL A 140 -14.06 -7.34 -4.38
CA VAL A 140 -14.11 -8.43 -5.31
C VAL A 140 -12.73 -8.98 -5.71
N ALA A 141 -11.83 -8.11 -6.09
CA ALA A 141 -10.50 -8.55 -6.61
C ALA A 141 -9.59 -9.06 -5.47
N TYR A 142 -10.01 -8.90 -4.21
CA TYR A 142 -9.26 -9.54 -3.11
C TYR A 142 -9.91 -10.86 -2.71
N ASP A 143 -10.96 -11.25 -3.41
CA ASP A 143 -11.64 -12.56 -3.19
C ASP A 143 -11.63 -13.30 -4.51
N PHE A 144 -10.61 -14.15 -4.69
CA PHE A 144 -10.30 -14.68 -5.99
C PHE A 144 -11.40 -15.57 -6.50
N GLU A 145 -12.11 -16.23 -5.59
CA GLU A 145 -13.34 -16.90 -6.08
C GLU A 145 -14.45 -15.98 -6.65
N ALA A 146 -14.77 -14.86 -5.94
CA ALA A 146 -15.68 -13.89 -6.46
C ALA A 146 -15.16 -13.31 -7.79
N MET A 147 -13.86 -13.02 -7.85
CA MET A 147 -13.32 -12.44 -9.05
C MET A 147 -13.56 -13.40 -10.23
N ARG A 148 -13.27 -14.70 -10.02
CA ARG A 148 -13.46 -15.64 -11.11
C ARG A 148 -14.94 -15.66 -11.54
N THR A 149 -15.84 -15.64 -10.57
CA THR A 149 -17.27 -15.64 -10.88
C THR A 149 -17.67 -14.45 -11.68
N TYR A 150 -17.19 -13.29 -11.25
CA TYR A 150 -17.53 -12.05 -11.98
C TYR A 150 -17.04 -12.17 -13.42
N LEU A 151 -15.80 -12.62 -13.65
CA LEU A 151 -15.26 -12.64 -15.04
C LEU A 151 -15.91 -13.72 -15.94
N GLN A 152 -16.26 -14.85 -15.35
CA GLN A 152 -17.05 -15.84 -16.05
C GLN A 152 -18.35 -15.29 -16.54
N GLN A 153 -19.08 -14.66 -15.64
N GLN A 153 -19.10 -14.67 -15.64
CA GLN A 153 -20.41 -14.17 -15.98
CA GLN A 153 -20.44 -14.23 -16.00
C GLN A 153 -20.42 -12.99 -16.95
C GLN A 153 -20.44 -12.99 -16.93
N VAL A 154 -19.48 -12.06 -16.73
CA VAL A 154 -19.32 -10.96 -17.62
C VAL A 154 -18.81 -11.38 -18.99
N SER A 155 -17.86 -12.32 -19.07
CA SER A 155 -17.43 -12.81 -20.38
C SER A 155 -18.60 -13.39 -21.17
N LEU A 156 -19.38 -14.21 -20.52
CA LEU A 156 -20.56 -14.85 -21.16
C LEU A 156 -21.59 -13.84 -21.60
N ALA A 157 -21.90 -12.89 -20.73
CA ALA A 157 -22.95 -11.89 -21.01
C ALA A 157 -22.51 -10.86 -22.01
N TYR A 158 -21.20 -10.51 -22.03
CA TYR A 158 -20.71 -9.47 -22.95
C TYR A 158 -20.22 -10.00 -24.29
N GLY A 159 -19.40 -11.01 -24.26
CA GLY A 159 -18.96 -11.70 -25.47
C GLY A 159 -18.04 -10.94 -26.40
N LEU A 160 -17.45 -9.86 -25.89
CA LEU A 160 -16.59 -8.99 -26.64
C LEU A 160 -15.35 -8.71 -25.77
N PRO A 161 -14.29 -8.27 -26.41
CA PRO A 161 -13.11 -7.84 -25.64
C PRO A 161 -13.40 -6.73 -24.64
N PHE A 162 -12.81 -6.86 -23.46
CA PHE A 162 -12.95 -5.86 -22.41
C PHE A 162 -11.69 -5.81 -21.55
N GLY A 163 -11.67 -4.89 -20.57
CA GLY A 163 -10.56 -4.85 -19.63
C GLY A 163 -11.06 -4.72 -18.24
N VAL A 164 -10.13 -4.88 -17.33
CA VAL A 164 -10.42 -4.89 -15.93
C VAL A 164 -9.58 -3.84 -15.17
N LYS A 165 -10.17 -3.20 -14.17
CA LYS A 165 -9.44 -2.29 -13.25
C LYS A 165 -9.21 -3.05 -11.95
N MET A 166 -7.93 -3.18 -11.55
CA MET A 166 -7.47 -3.96 -10.46
C MET A 166 -6.98 -3.10 -9.30
N PRO A 167 -7.28 -3.52 -8.07
CA PRO A 167 -6.64 -2.93 -6.90
C PRO A 167 -5.18 -3.33 -6.92
N PRO A 168 -4.37 -2.61 -6.16
CA PRO A 168 -3.01 -3.11 -5.94
C PRO A 168 -2.94 -4.32 -5.04
N TYR A 169 -1.98 -5.17 -5.35
CA TYR A 169 -1.55 -6.29 -4.47
C TYR A 169 -0.12 -6.03 -3.92
N PHE A 170 0.20 -6.69 -2.83
CA PHE A 170 1.37 -6.45 -2.03
C PHE A 170 2.21 -7.69 -1.72
N ASP A 171 1.82 -8.80 -2.30
CA ASP A 171 2.40 -10.09 -1.95
C ASP A 171 2.58 -10.87 -3.28
N ILE A 172 3.75 -11.44 -3.48
CA ILE A 172 4.03 -12.14 -4.79
C ILE A 172 3.04 -13.29 -5.03
N ALA A 173 2.60 -13.98 -3.96
CA ALA A 173 1.69 -15.10 -4.16
C ALA A 173 0.36 -14.60 -4.69
N HIS A 174 -0.03 -13.39 -4.22
CA HIS A 174 -1.25 -12.76 -4.76
C HIS A 174 -1.12 -12.32 -6.22
N PHE A 175 0.02 -11.75 -6.61
CA PHE A 175 0.27 -11.45 -8.03
C PHE A 175 0.08 -12.76 -8.84
N ASP A 176 0.70 -13.84 -8.36
CA ASP A 176 0.66 -15.13 -9.07
C ASP A 176 -0.77 -15.60 -9.26
N THR A 177 -1.52 -15.55 -8.19
CA THR A 177 -2.86 -16.07 -8.17
C THR A 177 -3.81 -15.19 -8.99
N ALA A 178 -3.69 -13.87 -8.82
CA ALA A 178 -4.55 -12.93 -9.53
C ALA A 178 -4.32 -13.02 -11.03
N ALA A 179 -3.05 -13.07 -11.46
CA ALA A 179 -2.77 -13.11 -12.89
C ALA A 179 -3.24 -14.40 -13.50
N ALA A 180 -3.11 -15.46 -12.75
CA ALA A 180 -3.61 -16.79 -13.20
C ALA A 180 -5.16 -16.74 -13.44
N VAL A 181 -5.88 -16.10 -12.52
CA VAL A 181 -7.32 -15.92 -12.75
C VAL A 181 -7.57 -15.12 -14.00
N LEU A 182 -6.91 -13.97 -14.16
CA LEU A 182 -7.13 -13.22 -15.33
C LEU A 182 -6.83 -13.99 -16.64
N ASN A 183 -5.72 -14.72 -16.64
CA ASN A 183 -5.34 -15.52 -17.78
C ASN A 183 -6.35 -16.68 -18.14
N GLU A 184 -7.29 -16.98 -17.27
CA GLU A 184 -8.44 -17.88 -17.63
C GLU A 184 -9.39 -17.29 -18.67
N PHE A 185 -9.39 -15.96 -18.85
CA PHE A 185 -10.41 -15.23 -19.61
C PHE A 185 -9.82 -14.58 -20.81
N PRO A 186 -9.92 -15.21 -21.98
CA PRO A 186 -9.33 -14.60 -23.13
C PRO A 186 -9.99 -13.30 -23.64
N LEU A 187 -11.20 -13.02 -23.18
CA LEU A 187 -11.78 -11.79 -23.59
C LEU A 187 -11.20 -10.59 -22.77
N VAL A 188 -10.49 -10.88 -21.69
CA VAL A 188 -9.91 -9.78 -20.91
C VAL A 188 -8.60 -9.36 -21.64
N LYS A 189 -8.69 -8.27 -22.41
CA LYS A 189 -7.56 -7.89 -23.27
C LYS A 189 -6.68 -6.80 -22.68
N PHE A 190 -7.14 -6.13 -21.64
CA PHE A 190 -6.33 -5.14 -20.96
C PHE A 190 -6.56 -5.21 -19.45
N VAL A 191 -5.52 -4.91 -18.69
CA VAL A 191 -5.56 -4.94 -17.23
C VAL A 191 -5.03 -3.57 -16.75
N THR A 192 -5.88 -2.82 -16.03
CA THR A 192 -5.52 -1.52 -15.50
C THR A 192 -5.05 -1.59 -14.06
N CYS A 193 -3.77 -1.30 -13.84
CA CYS A 193 -3.12 -1.35 -12.55
C CYS A 193 -2.59 0.04 -12.23
N VAL A 194 -3.09 0.72 -11.20
CA VAL A 194 -3.96 0.20 -10.15
C VAL A 194 -5.04 1.21 -9.75
N ASN A 195 -6.03 0.71 -9.05
CA ASN A 195 -6.99 1.48 -8.28
C ASN A 195 -6.29 1.97 -6.99
N SER A 196 -6.99 2.71 -6.16
CA SER A 196 -6.40 3.31 -5.00
C SER A 196 -5.80 2.28 -4.06
N VAL A 197 -4.82 2.72 -3.29
CA VAL A 197 -4.34 1.92 -2.23
C VAL A 197 -5.37 2.02 -1.10
N GLY A 198 -5.98 0.90 -0.82
CA GLY A 198 -7.18 0.91 -0.02
C GLY A 198 -7.07 1.27 1.45
N ASN A 199 -8.09 1.93 1.95
CA ASN A 199 -8.24 2.18 3.36
C ASN A 199 -7.08 2.80 4.10
N GLY A 200 -6.52 3.82 3.52
CA GLY A 200 -5.63 4.71 4.22
C GLY A 200 -6.36 5.63 5.16
N LEU A 201 -5.59 6.32 6.03
CA LEU A 201 -6.20 7.26 6.98
C LEU A 201 -5.34 8.52 7.08
N VAL A 202 -5.85 9.64 6.59
CA VAL A 202 -5.17 10.94 6.71
C VAL A 202 -5.74 11.67 7.93
N ILE A 203 -4.83 12.19 8.71
CA ILE A 203 -5.18 12.90 9.94
C ILE A 203 -4.51 14.31 9.87
N ASP A 204 -5.31 15.32 10.14
CA ASP A 204 -4.86 16.69 10.21
C ASP A 204 -4.35 16.99 11.62
N ALA A 205 -3.08 17.30 11.80
CA ALA A 205 -2.58 17.50 13.14
C ALA A 205 -3.13 18.73 13.86
N GLU A 206 -3.44 19.79 13.15
CA GLU A 206 -3.91 20.98 13.82
C GLU A 206 -5.28 20.71 14.44
N SER A 207 -6.19 20.19 13.64
CA SER A 207 -7.54 19.91 14.11
C SER A 207 -7.70 18.57 14.82
N GLU A 208 -6.69 17.69 14.76
CA GLU A 208 -6.76 16.37 15.41
C GLU A 208 -7.87 15.54 14.90
N SER A 209 -8.19 15.75 13.63
CA SER A 209 -9.33 15.16 13.01
C SER A 209 -8.96 14.48 11.65
N VAL A 210 -9.63 13.38 11.35
CA VAL A 210 -9.63 12.82 10.00
C VAL A 210 -10.19 13.88 9.05
N VAL A 211 -9.93 13.72 7.75
CA VAL A 211 -10.27 14.73 6.74
C VAL A 211 -11.44 14.43 5.79
N ILE A 212 -11.95 13.19 5.81
CA ILE A 212 -13.14 12.79 5.10
C ILE A 212 -14.10 12.21 6.07
N LYS A 213 -15.36 12.43 5.78
CA LYS A 213 -16.45 12.04 6.64
C LYS A 213 -16.83 10.55 6.62
N PRO A 214 -16.98 9.91 5.44
CA PRO A 214 -17.39 8.52 5.48
C PRO A 214 -16.39 7.57 6.15
N LYS A 215 -16.89 6.46 6.67
N LYS A 215 -16.86 6.43 6.61
CA LYS A 215 -16.04 5.34 7.10
CA LYS A 215 -15.98 5.33 7.05
C LYS A 215 -14.98 5.78 8.11
C LYS A 215 -14.95 5.79 8.10
N GLN A 216 -15.36 6.72 8.99
CA GLN A 216 -14.48 7.23 10.07
C GLN A 216 -13.16 7.73 9.55
N GLY A 217 -13.17 8.26 8.32
CA GLY A 217 -11.98 8.84 7.74
C GLY A 217 -11.15 7.93 6.85
N PHE A 218 -11.47 6.64 6.77
CA PHE A 218 -10.73 5.66 5.97
C PHE A 218 -11.12 5.75 4.48
N GLY A 219 -10.10 5.85 3.63
CA GLY A 219 -10.39 5.95 2.17
C GLY A 219 -9.26 5.52 1.32
N GLY A 220 -9.52 5.41 0.00
CA GLY A 220 -8.42 5.02 -0.85
C GLY A 220 -7.47 6.16 -1.16
N LEU A 221 -6.19 5.79 -1.27
CA LEU A 221 -5.12 6.70 -1.48
C LEU A 221 -4.68 6.71 -2.94
N GLY A 222 -4.44 7.89 -3.43
CA GLY A 222 -3.91 8.16 -4.70
C GLY A 222 -2.74 9.14 -4.65
N GLY A 223 -2.03 9.25 -5.77
CA GLY A 223 -1.05 10.27 -5.94
C GLY A 223 0.38 9.81 -5.63
N LYS A 224 1.23 10.74 -5.17
N LYS A 224 1.23 10.74 -5.17
CA LYS A 224 2.67 10.45 -4.92
CA LYS A 224 2.67 10.42 -4.93
C LYS A 224 2.90 9.28 -3.95
C LYS A 224 2.90 9.27 -3.95
N TYR A 225 1.97 9.07 -3.01
CA TYR A 225 2.08 7.96 -2.09
C TYR A 225 2.23 6.60 -2.81
N ILE A 226 1.61 6.47 -3.99
CA ILE A 226 1.35 5.16 -4.53
C ILE A 226 2.17 4.79 -5.79
N LEU A 227 3.09 5.64 -6.25
CA LEU A 227 3.76 5.39 -7.53
C LEU A 227 4.56 4.08 -7.50
N PRO A 228 5.38 3.83 -6.46
CA PRO A 228 6.08 2.55 -6.51
C PRO A 228 5.19 1.30 -6.41
N THR A 229 4.10 1.39 -5.67
CA THR A 229 3.10 0.35 -5.64
C THR A 229 2.52 0.14 -7.05
N ALA A 230 2.17 1.26 -7.70
CA ALA A 230 1.56 1.17 -9.05
C ALA A 230 2.54 0.54 -10.06
N LEU A 231 3.79 0.98 -10.02
CA LEU A 231 4.80 0.45 -10.93
C LEU A 231 5.00 -1.03 -10.69
N ALA A 232 5.03 -1.48 -9.44
CA ALA A 232 5.17 -2.89 -9.14
C ALA A 232 4.02 -3.70 -9.75
N ASN A 233 2.81 -3.17 -9.61
CA ASN A 233 1.67 -3.90 -10.12
C ASN A 233 1.70 -3.96 -11.66
N VAL A 234 1.97 -2.85 -12.31
CA VAL A 234 2.00 -2.77 -13.79
C VAL A 234 3.05 -3.86 -14.21
N ASN A 235 4.21 -3.88 -13.59
CA ASN A 235 5.25 -4.80 -14.05
C ASN A 235 4.93 -6.24 -13.74
N ALA A 236 4.41 -6.49 -12.54
CA ALA A 236 3.97 -7.83 -12.19
C ALA A 236 2.99 -8.47 -13.14
N PHE A 237 1.98 -7.69 -13.54
CA PHE A 237 0.99 -8.17 -14.50
C PHE A 237 1.52 -8.18 -15.90
N TYR A 238 2.42 -7.26 -16.25
CA TYR A 238 3.03 -7.26 -17.59
C TYR A 238 3.82 -8.50 -17.79
N ARG A 239 4.55 -8.88 -16.73
CA ARG A 239 5.30 -10.14 -16.73
C ARG A 239 4.46 -11.43 -16.72
N ARG A 240 3.34 -11.45 -16.06
CA ARG A 240 2.51 -12.65 -15.91
C ARG A 240 1.45 -12.76 -16.98
N CYS A 241 1.11 -11.69 -17.70
CA CYS A 241 0.00 -11.72 -18.66
C CYS A 241 0.47 -11.38 -20.02
N PRO A 242 1.31 -12.25 -20.59
CA PRO A 242 1.91 -11.83 -21.86
C PRO A 242 0.95 -11.65 -23.07
N ASP A 243 -0.22 -12.24 -23.08
CA ASP A 243 -1.16 -12.04 -24.16
C ASP A 243 -2.13 -10.92 -23.87
N LYS A 244 -1.91 -10.13 -22.80
CA LYS A 244 -2.78 -9.01 -22.50
C LYS A 244 -1.99 -7.70 -22.50
N LEU A 245 -2.72 -6.60 -22.57
CA LEU A 245 -2.15 -5.24 -22.44
C LEU A 245 -2.26 -4.89 -20.97
N VAL A 246 -1.33 -4.06 -20.52
CA VAL A 246 -1.42 -3.45 -19.17
C VAL A 246 -1.48 -1.94 -19.37
N PHE A 247 -2.46 -1.32 -18.71
CA PHE A 247 -2.57 0.09 -18.62
C PHE A 247 -2.07 0.51 -17.19
N GLY A 248 -1.28 1.57 -17.12
CA GLY A 248 -0.81 1.98 -15.81
C GLY A 248 -1.62 3.13 -15.26
N CYS A 249 -1.80 3.13 -13.95
CA CYS A 249 -2.50 4.17 -13.26
C CYS A 249 -1.90 4.22 -11.87
N GLY A 250 -1.52 5.39 -11.41
CA GLY A 250 -1.14 5.62 -10.03
C GLY A 250 0.10 6.46 -9.96
N GLY A 251 -0.05 7.58 -9.31
CA GLY A 251 1.10 8.49 -9.10
C GLY A 251 1.71 9.19 -10.25
N VAL A 252 1.00 9.38 -11.37
CA VAL A 252 1.54 10.13 -12.49
C VAL A 252 1.21 11.61 -12.32
N TYR A 253 2.27 12.38 -12.14
CA TYR A 253 2.27 13.85 -12.17
C TYR A 253 3.13 14.48 -13.29
N SER A 254 3.98 13.70 -13.98
CA SER A 254 4.93 14.25 -14.90
C SER A 254 5.20 13.23 -16.02
N GLY A 255 5.85 13.69 -17.03
CA GLY A 255 6.20 12.79 -18.16
C GLY A 255 7.22 11.77 -17.68
N GLU A 256 8.03 12.12 -16.69
CA GLU A 256 8.96 11.15 -16.14
C GLU A 256 8.20 10.04 -15.46
N ASP A 257 7.20 10.36 -14.60
CA ASP A 257 6.40 9.27 -14.00
C ASP A 257 5.74 8.37 -15.07
N ALA A 258 5.26 9.01 -16.15
CA ALA A 258 4.70 8.27 -17.29
C ALA A 258 5.71 7.37 -17.97
N PHE A 259 6.89 7.92 -18.17
CA PHE A 259 8.03 7.10 -18.66
C PHE A 259 8.30 5.83 -17.85
N LEU A 260 8.24 5.96 -16.51
CA LEU A 260 8.45 4.84 -15.64
C LEU A 260 7.39 3.81 -15.76
N HIS A 261 6.14 4.27 -15.80
CA HIS A 261 5.03 3.37 -16.08
C HIS A 261 5.23 2.55 -17.37
N ILE A 262 5.65 3.23 -18.42
CA ILE A 262 5.76 2.61 -19.74
C ILE A 262 6.97 1.66 -19.69
N LEU A 263 8.07 2.07 -19.08
CA LEU A 263 9.18 1.10 -18.87
C LEU A 263 8.75 -0.17 -18.14
N ALA A 264 7.82 -0.02 -17.19
CA ALA A 264 7.29 -1.18 -16.42
C ALA A 264 6.36 -2.03 -17.20
N GLY A 265 5.87 -1.50 -18.31
CA GLY A 265 5.02 -2.23 -19.23
C GLY A 265 3.70 -1.57 -19.66
N ALA A 266 3.44 -0.37 -19.18
CA ALA A 266 2.16 0.29 -19.48
C ALA A 266 2.01 0.62 -20.95
N SER A 267 0.81 0.37 -21.49
CA SER A 267 0.45 0.87 -22.78
C SER A 267 -0.20 2.24 -22.64
N MET A 268 -1.43 2.30 -22.17
CA MET A 268 -2.03 3.57 -21.84
C MET A 268 -1.60 3.93 -20.42
N VAL A 269 -1.62 5.22 -20.11
CA VAL A 269 -1.27 5.72 -18.83
C VAL A 269 -2.36 6.66 -18.33
N GLN A 270 -2.94 6.33 -17.19
CA GLN A 270 -4.07 7.07 -16.67
C GLN A 270 -3.63 8.06 -15.56
N VAL A 271 -4.37 9.13 -15.40
CA VAL A 271 -4.03 10.18 -14.54
C VAL A 271 -5.26 10.52 -13.71
N GLY A 272 -5.16 10.28 -12.40
CA GLY A 272 -6.21 10.54 -11.41
C GLY A 272 -5.96 11.77 -10.60
N THR A 273 -5.34 11.62 -9.44
CA THR A 273 -5.13 12.72 -8.48
C THR A 273 -4.57 13.97 -9.12
N ALA A 274 -3.55 13.81 -9.96
CA ALA A 274 -2.80 14.98 -10.51
C ALA A 274 -3.71 15.77 -11.46
N LEU A 275 -4.60 15.04 -12.14
CA LEU A 275 -5.58 15.65 -13.05
C LEU A 275 -6.69 16.37 -12.20
N GLN A 276 -7.20 15.71 -11.18
CA GLN A 276 -8.16 16.34 -10.25
C GLN A 276 -7.62 17.68 -9.75
N GLU A 277 -6.34 17.72 -9.42
CA GLU A 277 -5.70 18.90 -8.86
C GLU A 277 -5.29 19.95 -9.83
N GLU A 278 -4.74 19.57 -11.03
CA GLU A 278 -4.22 20.52 -11.97
C GLU A 278 -5.23 20.91 -13.05
N GLY A 279 -6.11 19.97 -13.41
CA GLY A 279 -7.09 20.13 -14.48
C GLY A 279 -6.52 19.65 -15.79
N PRO A 280 -7.32 19.69 -16.85
CA PRO A 280 -7.00 18.97 -18.05
C PRO A 280 -5.86 19.54 -18.87
N GLY A 281 -5.42 20.76 -18.54
CA GLY A 281 -4.17 21.30 -19.07
C GLY A 281 -3.01 20.36 -18.80
N ILE A 282 -3.15 19.48 -17.82
CA ILE A 282 -1.98 18.59 -17.49
C ILE A 282 -1.57 17.76 -18.73
N PHE A 283 -2.54 17.40 -19.58
CA PHE A 283 -2.20 16.49 -20.68
C PHE A 283 -1.19 17.11 -21.62
N THR A 284 -1.26 18.41 -21.91
CA THR A 284 -0.22 19.00 -22.82
C THR A 284 1.15 18.97 -22.17
N ARG A 285 1.20 19.19 -20.85
CA ARG A 285 2.45 19.15 -20.13
C ARG A 285 3.01 17.80 -20.12
N LEU A 286 2.20 16.78 -19.86
CA LEU A 286 2.68 15.40 -19.78
C LEU A 286 3.23 14.94 -21.12
N GLU A 287 2.52 15.27 -22.18
CA GLU A 287 3.04 15.01 -23.54
C GLU A 287 4.42 15.61 -23.84
N ASP A 288 4.56 16.92 -23.57
CA ASP A 288 5.79 17.64 -23.79
C ASP A 288 6.92 17.05 -22.97
N GLU A 289 6.64 16.77 -21.69
CA GLU A 289 7.64 16.18 -20.78
C GLU A 289 8.08 14.79 -21.25
N LEU A 290 7.14 13.98 -21.73
CA LEU A 290 7.47 12.62 -22.10
C LEU A 290 8.30 12.71 -23.40
N LEU A 291 7.89 13.54 -24.31
CA LEU A 291 8.67 13.75 -25.54
C LEU A 291 10.06 14.31 -25.25
N GLU A 292 10.23 15.17 -24.26
CA GLU A 292 11.55 15.64 -23.94
C GLU A 292 12.45 14.54 -23.42
N ILE A 293 11.90 13.64 -22.63
CA ILE A 293 12.73 12.51 -22.10
C ILE A 293 13.08 11.58 -23.22
N MET A 294 12.07 11.24 -24.06
CA MET A 294 12.35 10.47 -25.27
C MET A 294 13.47 11.07 -26.14
N ALA A 295 13.43 12.36 -26.41
CA ALA A 295 14.42 13.02 -27.27
C ALA A 295 15.83 12.94 -26.68
N ARG A 296 15.98 13.10 -25.37
CA ARG A 296 17.29 12.97 -24.68
C ARG A 296 17.87 11.59 -24.82
N LYS A 297 17.01 10.56 -24.85
CA LYS A 297 17.42 9.18 -24.85
C LYS A 297 17.48 8.63 -26.25
N GLY A 298 17.05 9.39 -27.22
CA GLY A 298 17.01 8.90 -28.58
C GLY A 298 15.89 7.94 -28.89
N TYR A 299 14.82 7.92 -28.10
CA TYR A 299 13.68 7.00 -28.40
C TYR A 299 12.72 7.71 -29.33
N ARG A 300 12.25 7.01 -30.35
CA ARG A 300 11.35 7.61 -31.29
C ARG A 300 9.87 7.20 -31.16
N THR A 301 9.68 6.04 -30.57
CA THR A 301 8.39 5.49 -30.31
C THR A 301 8.29 4.87 -28.89
N LEU A 302 7.07 4.71 -28.43
CA LEU A 302 6.79 4.08 -27.16
C LEU A 302 7.26 2.61 -27.10
N GLU A 303 7.11 1.89 -28.22
CA GLU A 303 7.39 0.48 -28.26
C GLU A 303 8.84 0.30 -27.92
N GLU A 304 9.70 1.23 -28.30
N GLU A 304 9.67 1.24 -28.32
CA GLU A 304 11.14 1.06 -28.18
CA GLU A 304 11.08 1.08 -28.16
C GLU A 304 11.63 1.01 -26.71
C GLU A 304 11.46 0.77 -26.72
N PHE A 305 10.81 1.39 -25.83
CA PHE A 305 11.07 1.24 -24.39
C PHE A 305 9.99 0.57 -23.51
N ARG A 306 8.76 0.41 -24.00
CA ARG A 306 7.72 -0.17 -23.17
C ARG A 306 8.17 -1.56 -22.65
N GLY A 307 8.04 -1.76 -21.37
CA GLY A 307 8.34 -3.02 -20.73
C GLY A 307 9.83 -3.30 -20.61
N ARG A 308 10.70 -2.36 -20.99
N ARG A 308 10.70 -2.36 -20.96
CA ARG A 308 12.14 -2.65 -21.06
CA ARG A 308 12.13 -2.69 -21.02
C ARG A 308 12.91 -2.24 -19.81
C ARG A 308 12.90 -2.24 -19.81
N VAL A 309 12.20 -2.10 -18.71
CA VAL A 309 12.86 -1.81 -17.43
C VAL A 309 13.96 -2.84 -17.24
N LYS A 310 15.13 -2.39 -16.80
CA LYS A 310 16.27 -3.29 -16.57
C LYS A 310 16.30 -3.78 -15.14
N THR A 311 16.63 -5.03 -14.97
CA THR A 311 16.97 -5.52 -13.62
C THR A 311 18.47 -5.55 -13.42
N ILE A 312 18.91 -5.73 -12.18
CA ILE A 312 20.34 -5.81 -11.86
C ILE A 312 20.82 -7.27 -11.82
N GLU A 313 21.79 -7.58 -12.68
N GLU A 313 21.91 -7.48 -12.58
CA GLU A 313 22.38 -8.95 -12.87
CA GLU A 313 23.18 -8.28 -12.25
C GLU A 313 21.34 -10.03 -13.11
C GLU A 313 23.89 -8.71 -13.52
N MET B 1 10.25 18.78 29.39
N MET B 1 8.47 19.60 29.83
CA MET B 1 9.69 17.40 29.36
CA MET B 1 7.58 18.41 30.12
C MET B 1 8.53 17.28 30.41
C MET B 1 8.55 17.25 30.40
N CYS B 2 8.15 16.06 30.83
CA CYS B 2 8.65 14.81 30.26
C CYS B 2 7.62 13.86 29.74
N LEU B 3 8.11 13.00 28.83
CA LEU B 3 7.31 12.07 28.00
C LEU B 3 7.46 10.69 28.55
N LYS B 4 7.81 10.53 29.83
CA LYS B 4 7.98 9.26 30.46
C LYS B 4 6.64 8.47 30.47
N LEU B 5 6.67 7.14 30.28
CA LEU B 5 5.50 6.26 30.27
C LEU B 5 5.63 4.81 30.77
N ASN B 6 4.73 3.91 31.18
N ASN B 6 4.69 3.95 31.15
CA ASN B 6 4.89 2.61 31.84
CA ASN B 6 4.87 2.61 31.67
C ASN B 6 4.00 1.77 31.01
C ASN B 6 3.96 1.74 30.87
N LEU B 7 4.47 0.65 30.50
N LEU B 7 4.44 0.61 30.37
CA LEU B 7 3.70 -0.40 29.91
CA LEU B 7 3.74 -0.38 29.53
C LEU B 7 4.44 -1.73 29.75
C LEU B 7 4.42 -1.72 29.76
N LEU B 8 3.64 -2.79 29.71
CA LEU B 8 4.11 -4.12 29.71
C LEU B 8 5.04 -4.32 30.93
N ASP B 9 4.73 -3.64 32.02
CA ASP B 9 5.48 -3.82 33.26
C ASP B 9 6.86 -3.17 33.21
N HIS B 10 7.08 -2.35 32.19
CA HIS B 10 8.33 -1.65 32.03
C HIS B 10 8.08 -0.17 31.98
N VAL B 11 9.09 0.60 32.27
CA VAL B 11 9.07 2.05 32.28
C VAL B 11 9.90 2.58 31.13
N PHE B 12 9.34 3.54 30.42
CA PHE B 12 10.01 4.06 29.24
C PHE B 12 10.12 5.59 29.38
N ALA B 13 11.23 6.15 29.02
CA ALA B 13 11.54 7.60 29.15
C ALA B 13 10.74 8.40 28.10
N ASN B 14 10.38 7.73 27.02
CA ASN B 14 9.63 8.37 25.96
C ASN B 14 9.14 7.27 25.05
N PRO B 15 8.23 7.59 24.11
CA PRO B 15 7.62 6.53 23.35
C PRO B 15 8.45 6.02 22.11
N PHE B 16 9.62 6.61 21.90
CA PHE B 16 10.30 6.36 20.67
C PHE B 16 11.22 5.14 20.74
N MET B 17 11.32 4.40 19.62
CA MET B 17 12.31 3.36 19.47
C MET B 17 12.63 3.17 18.00
N ASN B 18 13.70 2.43 17.69
CA ASN B 18 13.89 2.02 16.33
C ASN B 18 12.86 1.03 15.91
N ALA B 19 12.64 0.96 14.59
CA ALA B 19 11.92 -0.14 13.97
C ALA B 19 12.86 -1.30 13.75
N ALA B 20 12.33 -2.50 13.94
CA ALA B 20 13.14 -3.66 13.75
C ALA B 20 13.79 -3.64 12.36
N GLY B 21 15.04 -4.08 12.33
CA GLY B 21 15.86 -4.12 11.15
C GLY B 21 16.71 -2.88 10.95
N VAL B 22 16.36 -1.76 11.59
CA VAL B 22 17.18 -0.55 11.45
C VAL B 22 18.12 -0.28 12.66
N LEU B 23 19.41 -0.16 12.40
CA LEU B 23 20.38 0.10 13.44
C LEU B 23 20.29 -0.87 14.63
N CYS B 24 20.21 -2.14 14.33
CA CYS B 24 19.99 -3.12 15.36
C CYS B 24 20.51 -4.53 15.04
N SER B 25 21.43 -4.67 14.10
CA SER B 25 21.89 -5.97 13.66
C SER B 25 23.11 -6.54 14.38
N THR B 26 23.98 -5.64 14.82
CA THR B 26 25.24 -6.01 15.39
C THR B 26 25.33 -5.50 16.81
N GLU B 27 26.29 -6.02 17.56
CA GLU B 27 26.46 -5.56 18.92
C GLU B 27 26.71 -4.06 18.88
N GLU B 28 27.51 -3.64 17.96
CA GLU B 28 27.76 -2.21 17.73
C GLU B 28 26.48 -1.43 17.53
N ASP B 29 25.62 -1.90 16.63
CA ASP B 29 24.34 -1.20 16.41
C ASP B 29 23.51 -1.10 17.70
N LEU B 30 23.41 -2.24 18.42
CA LEU B 30 22.58 -2.32 19.66
C LEU B 30 23.10 -1.41 20.74
N ARG B 31 24.43 -1.31 20.86
N ARG B 31 24.44 -1.33 20.85
CA ARG B 31 25.02 -0.39 21.83
CA ARG B 31 25.11 -0.40 21.77
C ARG B 31 24.81 1.07 21.40
C ARG B 31 24.79 1.04 21.39
N CYS B 32 24.86 1.34 20.09
CA CYS B 32 24.54 2.65 19.56
C CYS B 32 23.09 3.04 19.88
N MET B 33 22.12 2.16 19.62
CA MET B 33 20.71 2.46 19.98
C MET B 33 20.55 2.59 21.53
N THR B 34 21.27 1.80 22.27
CA THR B 34 21.20 1.92 23.74
C THR B 34 21.69 3.29 24.22
N ALA B 35 22.75 3.78 23.60
CA ALA B 35 23.34 5.10 23.95
C ALA B 35 22.52 6.29 23.49
N SER B 36 21.62 6.03 22.52
CA SER B 36 20.76 7.06 22.01
C SER B 36 19.71 7.50 23.04
N SER B 37 18.99 8.56 22.69
N SER B 37 18.99 8.56 22.73
CA SER B 37 17.91 9.08 23.52
CA SER B 37 17.94 9.02 23.63
C SER B 37 16.58 8.34 23.34
C SER B 37 16.61 8.29 23.42
N SER B 38 16.55 7.29 22.52
CA SER B 38 15.32 6.53 22.42
C SER B 38 14.86 5.95 23.73
N GLY B 39 13.57 5.77 23.84
CA GLY B 39 12.98 5.17 25.04
C GLY B 39 13.12 3.66 25.10
N ALA B 40 13.38 3.03 23.96
CA ALA B 40 13.60 1.58 23.92
C ALA B 40 14.33 1.21 22.59
N LEU B 41 14.69 -0.05 22.42
CA LEU B 41 15.23 -0.54 21.18
C LEU B 41 14.69 -1.92 20.93
N VAL B 42 14.75 -2.35 19.68
CA VAL B 42 14.38 -3.68 19.24
C VAL B 42 15.53 -4.20 18.38
N SER B 43 15.85 -5.50 18.52
CA SER B 43 16.92 -6.13 17.74
C SER B 43 16.45 -6.44 16.29
N LYS B 44 17.35 -6.68 15.34
CA LYS B 44 17.04 -7.19 14.01
C LYS B 44 16.28 -8.51 14.12
N SER B 45 15.26 -8.72 13.26
CA SER B 45 14.52 -9.99 13.28
C SER B 45 15.50 -11.14 13.00
N CYS B 46 15.46 -12.18 13.84
CA CYS B 46 16.45 -13.21 13.71
C CYS B 46 15.90 -14.56 13.31
N THR B 47 16.82 -15.35 12.85
CA THR B 47 16.57 -16.74 12.52
C THR B 47 17.49 -17.64 13.39
N SER B 48 17.21 -18.94 13.40
CA SER B 48 18.03 -19.81 14.20
C SER B 48 19.44 -19.77 13.81
N ALA B 49 19.72 -19.83 12.52
CA ALA B 49 21.12 -19.78 12.07
C ALA B 49 21.46 -18.35 11.57
N PRO B 50 22.73 -17.98 11.53
CA PRO B 50 23.15 -16.70 10.92
C PRO B 50 22.85 -16.71 9.42
N ARG B 51 22.53 -15.53 8.87
CA ARG B 51 22.23 -15.35 7.49
C ARG B 51 22.90 -14.15 6.90
N ASP B 52 23.38 -14.34 5.66
CA ASP B 52 24.02 -13.29 4.93
C ASP B 52 22.96 -12.32 4.30
N GLY B 53 21.76 -12.82 4.06
CA GLY B 53 20.76 -12.01 3.35
C GLY B 53 20.93 -12.04 1.89
N ASN B 54 20.16 -11.22 1.23
CA ASN B 54 20.17 -11.16 -0.20
C ASN B 54 21.30 -10.34 -0.78
N PRO B 55 21.51 -10.48 -2.11
CA PRO B 55 22.55 -9.73 -2.75
C PRO B 55 22.37 -8.25 -2.71
N GLU B 56 23.48 -7.48 -2.62
CA GLU B 56 23.41 -6.00 -2.66
C GLU B 56 23.48 -5.49 -4.09
N PRO B 57 22.88 -4.32 -4.38
CA PRO B 57 22.18 -3.45 -3.45
C PRO B 57 20.82 -3.96 -3.07
N ARG B 58 20.47 -3.83 -1.77
CA ARG B 58 19.24 -4.41 -1.24
C ARG B 58 18.39 -3.39 -0.45
N TYR B 59 18.91 -2.20 -0.28
CA TYR B 59 18.25 -1.04 0.37
C TYR B 59 18.57 0.16 -0.43
N MET B 60 17.57 1.02 -0.67
CA MET B 60 17.79 2.33 -1.27
C MET B 60 16.78 3.30 -0.73
N ALA B 61 17.25 4.52 -0.52
CA ALA B 61 16.40 5.59 -0.04
C ALA B 61 16.33 6.75 -0.97
N PHE B 62 15.22 7.49 -0.85
CA PHE B 62 14.86 8.59 -1.67
C PHE B 62 14.05 9.57 -0.86
N PRO B 63 13.85 10.79 -1.45
CA PRO B 63 13.18 11.81 -0.67
C PRO B 63 11.90 11.33 -0.08
N LEU B 64 11.11 10.54 -0.80
CA LEU B 64 9.79 10.07 -0.21
C LEU B 64 9.82 8.74 0.58
N GLY B 65 10.96 8.08 0.66
CA GLY B 65 11.02 6.89 1.46
C GLY B 65 12.10 5.92 1.03
N SER B 66 11.87 4.65 1.32
CA SER B 66 12.84 3.61 1.01
C SER B 66 12.19 2.39 0.43
N ILE B 67 13.04 1.57 -0.16
CA ILE B 67 12.69 0.25 -0.60
C ILE B 67 13.81 -0.73 -0.16
N ASN B 68 13.39 -1.92 0.26
CA ASN B 68 14.34 -2.95 0.65
C ASN B 68 13.91 -4.35 0.37
N SER B 69 14.92 -5.19 0.13
N SER B 69 14.91 -5.21 0.10
CA SER B 69 14.69 -6.61 0.10
CA SER B 69 14.68 -6.66 0.05
C SER B 69 15.94 -7.14 0.73
C SER B 69 15.87 -7.30 0.76
N MET B 70 16.00 -7.02 2.05
CA MET B 70 17.22 -7.37 2.80
C MET B 70 17.38 -8.91 2.82
N GLY B 71 16.32 -9.63 2.98
CA GLY B 71 16.43 -11.13 3.11
C GLY B 71 16.86 -11.65 4.48
N LEU B 72 16.50 -10.95 5.54
CA LEU B 72 16.83 -11.35 6.88
C LEU B 72 18.31 -11.64 7.13
N PRO B 73 19.20 -10.76 6.69
CA PRO B 73 20.55 -10.88 7.19
C PRO B 73 20.59 -10.65 8.70
N ASN B 74 21.22 -11.54 9.45
CA ASN B 74 21.28 -11.38 10.89
C ASN B 74 22.35 -12.28 11.45
N LEU B 75 22.70 -12.05 12.72
CA LEU B 75 23.76 -12.80 13.33
C LEU B 75 23.38 -14.16 13.93
N GLY B 76 22.11 -14.51 13.85
CA GLY B 76 21.53 -15.65 14.39
C GLY B 76 21.05 -15.43 15.83
N PHE B 77 20.09 -16.24 16.16
CA PHE B 77 19.38 -16.16 17.40
C PHE B 77 20.35 -16.26 18.60
N ASP B 78 21.36 -17.17 18.55
CA ASP B 78 22.27 -17.29 19.70
C ASP B 78 22.88 -15.93 20.08
N PHE B 79 23.19 -15.13 19.06
CA PHE B 79 23.80 -13.80 19.24
C PHE B 79 22.82 -12.88 19.95
N TYR B 80 21.59 -12.80 19.45
CA TYR B 80 20.66 -11.82 20.04
C TYR B 80 20.26 -12.26 21.45
N LEU B 81 20.15 -13.57 21.67
CA LEU B 81 19.85 -14.08 23.00
C LEU B 81 20.93 -13.74 24.01
N LYS B 82 22.16 -13.92 23.58
CA LYS B 82 23.35 -13.55 24.35
C LYS B 82 23.36 -12.08 24.64
N TYR B 83 23.03 -11.27 23.64
CA TYR B 83 22.95 -9.83 23.86
C TYR B 83 21.89 -9.54 24.96
N ALA B 84 20.72 -10.19 24.86
CA ALA B 84 19.61 -9.93 25.81
C ALA B 84 20.00 -10.41 27.25
N SER B 85 20.69 -11.56 27.30
N SER B 85 20.69 -11.56 27.27
CA SER B 85 20.98 -12.20 28.60
CA SER B 85 20.99 -12.27 28.53
C SER B 85 22.21 -11.59 29.30
C SER B 85 22.22 -11.71 29.27
N ASP B 86 23.24 -11.24 28.55
CA ASP B 86 24.52 -10.89 29.14
C ASP B 86 24.99 -9.49 28.86
N LEU B 87 24.55 -8.87 27.76
CA LEU B 87 25.25 -7.65 27.27
C LEU B 87 24.42 -6.35 27.46
N HIS B 88 23.12 -6.45 27.28
CA HIS B 88 22.28 -5.25 27.37
C HIS B 88 22.19 -4.67 28.77
N ASP B 89 22.31 -3.36 28.85
CA ASP B 89 22.14 -2.69 30.11
C ASP B 89 20.67 -2.27 30.30
N TYR B 90 19.94 -3.09 31.04
CA TYR B 90 18.52 -2.83 31.27
C TYR B 90 18.23 -1.58 32.11
N SER B 91 19.24 -1.03 32.75
CA SER B 91 19.06 0.22 33.46
C SER B 91 18.96 1.43 32.51
N LYS B 92 19.40 1.28 31.25
CA LYS B 92 19.37 2.35 30.24
C LYS B 92 17.96 2.43 29.61
N LYS B 93 17.39 1.28 29.19
CA LYS B 93 16.07 1.26 28.57
C LYS B 93 15.67 -0.17 28.30
N PRO B 94 14.39 -0.43 28.07
CA PRO B 94 13.94 -1.78 27.79
C PRO B 94 14.41 -2.26 26.40
N LEU B 95 14.51 -3.57 26.28
CA LEU B 95 14.86 -4.23 25.04
C LEU B 95 13.81 -5.14 24.58
N PHE B 96 13.48 -5.05 23.28
CA PHE B 96 12.66 -5.99 22.61
C PHE B 96 13.51 -6.84 21.67
N LEU B 97 13.25 -8.14 21.57
CA LEU B 97 13.93 -9.01 20.62
C LEU B 97 12.94 -9.44 19.55
N SER B 98 13.23 -9.19 18.27
CA SER B 98 12.38 -9.62 17.18
C SER B 98 12.84 -10.99 16.60
N ILE B 99 11.88 -11.89 16.48
CA ILE B 99 12.10 -13.23 15.94
C ILE B 99 11.33 -13.38 14.64
N SER B 100 11.99 -13.93 13.63
CA SER B 100 11.38 -14.12 12.34
C SER B 100 11.82 -15.45 11.75
N GLY B 101 11.50 -16.56 12.42
CA GLY B 101 11.90 -17.88 11.84
C GLY B 101 11.08 -18.08 10.55
N LEU B 102 11.63 -18.94 9.70
CA LEU B 102 11.07 -19.24 8.41
C LEU B 102 10.05 -20.39 8.44
N SER B 103 9.79 -20.94 9.62
CA SER B 103 8.68 -21.87 9.81
C SER B 103 8.15 -21.74 11.16
N VAL B 104 6.96 -22.24 11.39
CA VAL B 104 6.49 -22.29 12.75
C VAL B 104 7.44 -23.03 13.68
N GLU B 105 8.04 -24.14 13.21
CA GLU B 105 8.92 -24.89 14.13
C GLU B 105 10.16 -24.13 14.59
N GLU B 106 10.69 -23.37 13.68
CA GLU B 106 11.89 -22.53 13.94
C GLU B 106 11.50 -21.50 15.00
N ASN B 107 10.36 -20.83 14.82
CA ASN B 107 9.87 -19.86 15.85
C ASN B 107 9.66 -20.49 17.22
N VAL B 108 9.08 -21.71 17.25
CA VAL B 108 8.85 -22.40 18.52
C VAL B 108 10.22 -22.71 19.22
N ALA B 109 11.19 -23.14 18.47
CA ALA B 109 12.51 -23.50 19.01
C ALA B 109 13.20 -22.26 19.64
N MET B 110 13.06 -21.13 18.95
CA MET B 110 13.64 -19.89 19.48
C MET B 110 12.87 -19.42 20.70
N VAL B 111 11.50 -19.36 20.64
CA VAL B 111 10.78 -18.85 21.81
C VAL B 111 10.94 -19.71 23.08
N ARG B 112 11.07 -21.04 22.93
N ARG B 112 11.08 -21.03 22.89
CA ARG B 112 11.28 -21.87 24.14
CA ARG B 112 11.40 -21.94 24.02
C ARG B 112 12.64 -21.52 24.80
C ARG B 112 12.59 -21.40 24.79
N ARG B 113 13.62 -21.04 24.04
CA ARG B 113 14.91 -20.61 24.62
C ARG B 113 14.89 -19.21 25.11
N LEU B 114 14.06 -18.34 24.50
CA LEU B 114 13.95 -17.00 24.97
C LEU B 114 13.22 -16.90 26.29
N ALA B 115 12.21 -17.76 26.50
CA ALA B 115 11.34 -17.65 27.63
C ALA B 115 12.04 -17.40 29.01
N PRO B 116 13.05 -18.25 29.34
CA PRO B 116 13.75 -18.03 30.62
C PRO B 116 14.54 -16.74 30.75
N VAL B 117 15.09 -16.25 29.64
CA VAL B 117 15.72 -14.94 29.60
C VAL B 117 14.71 -13.79 29.74
N ALA B 118 13.56 -13.89 29.08
CA ALA B 118 12.45 -12.99 29.35
C ALA B 118 12.03 -12.95 30.82
N GLN B 119 11.92 -14.12 31.45
CA GLN B 119 11.54 -14.17 32.86
C GLN B 119 12.63 -13.54 33.71
N GLU B 120 13.88 -13.84 33.42
CA GLU B 120 15.00 -13.42 34.30
C GLU B 120 15.33 -11.94 34.08
N LYS B 121 15.40 -11.50 32.82
CA LYS B 121 15.91 -10.17 32.50
C LYS B 121 14.84 -9.18 32.03
N GLY B 122 13.69 -9.65 31.60
CA GLY B 122 12.63 -8.71 31.15
C GLY B 122 12.65 -8.26 29.69
N VAL B 123 13.53 -8.85 28.88
CA VAL B 123 13.45 -8.68 27.41
C VAL B 123 12.03 -9.04 26.93
N LEU B 124 11.55 -8.28 25.94
CA LEU B 124 10.23 -8.43 25.38
C LEU B 124 10.26 -9.02 23.97
N LEU B 125 9.41 -9.96 23.67
CA LEU B 125 9.37 -10.58 22.36
C LEU B 125 8.47 -9.79 21.40
N GLU B 126 8.98 -9.50 20.20
CA GLU B 126 8.14 -9.05 19.08
C GLU B 126 8.27 -10.11 18.08
N LEU B 127 7.15 -10.82 17.77
CA LEU B 127 7.15 -11.86 16.78
C LEU B 127 6.78 -11.31 15.42
N ASN B 128 7.64 -11.46 14.43
CA ASN B 128 7.38 -10.86 13.14
C ASN B 128 6.51 -11.76 12.27
N LEU B 129 5.29 -11.35 12.02
CA LEU B 129 4.39 -12.17 11.24
C LEU B 129 4.41 -11.86 9.75
N SER B 130 5.08 -10.77 9.51
N SER B 130 5.05 -10.76 9.49
CA SER B 130 5.20 -10.24 8.20
CA SER B 130 5.17 -10.14 8.18
C SER B 130 6.43 -10.81 7.59
C SER B 130 6.38 -10.72 7.55
N CYS B 131 6.41 -12.13 7.46
N CYS B 131 6.31 -12.02 7.33
CA CYS B 131 7.51 -12.95 7.07
CA CYS B 131 7.41 -12.84 6.96
C CYS B 131 6.93 -14.12 6.25
C CYS B 131 6.90 -14.07 6.17
N PRO B 132 7.78 -14.58 5.33
CA PRO B 132 7.44 -15.71 4.48
C PRO B 132 7.08 -17.01 5.21
N ASN B 133 6.12 -17.69 4.59
CA ASN B 133 5.45 -18.93 4.92
C ASN B 133 6.28 -19.90 4.04
N VAL B 134 5.63 -20.89 3.49
CA VAL B 134 6.18 -21.67 2.42
C VAL B 134 6.27 -20.81 1.17
N PRO B 135 7.39 -20.96 0.35
CA PRO B 135 7.35 -20.13 -0.88
C PRO B 135 6.16 -20.54 -1.72
N GLY B 136 5.59 -19.61 -2.44
CA GLY B 136 4.36 -19.84 -3.17
C GLY B 136 3.09 -19.70 -2.32
N LYS B 137 3.24 -19.39 -1.05
CA LYS B 137 2.12 -18.98 -0.23
C LYS B 137 2.34 -17.54 0.23
N PRO B 138 1.26 -16.83 0.56
CA PRO B 138 1.39 -15.48 1.05
C PRO B 138 2.16 -15.46 2.39
N GLN B 139 2.68 -14.29 2.77
CA GLN B 139 3.34 -14.12 4.03
C GLN B 139 2.36 -14.50 5.10
N VAL B 140 2.89 -14.86 6.27
CA VAL B 140 2.10 -15.54 7.23
C VAL B 140 0.88 -14.72 7.61
N ALA B 141 1.05 -13.43 7.79
CA ALA B 141 -0.03 -12.59 8.28
C ALA B 141 -1.13 -12.38 7.26
N TYR B 142 -0.82 -12.71 6.02
CA TYR B 142 -1.78 -12.64 4.95
C TYR B 142 -2.55 -13.98 4.71
N ASP B 143 -2.19 -14.97 5.50
CA ASP B 143 -2.85 -16.28 5.56
C ASP B 143 -3.39 -16.51 6.97
N PHE B 144 -4.65 -16.22 7.19
CA PHE B 144 -5.20 -16.15 8.54
C PHE B 144 -5.14 -17.48 9.30
N GLU B 145 -5.31 -18.56 8.60
CA GLU B 145 -5.16 -19.83 9.25
C GLU B 145 -3.73 -20.14 9.65
N ALA B 146 -2.77 -19.80 8.82
CA ALA B 146 -1.39 -19.95 9.24
C ALA B 146 -1.08 -19.03 10.41
N MET B 147 -1.61 -17.83 10.36
CA MET B 147 -1.35 -16.88 11.43
C MET B 147 -1.84 -17.42 12.79
N ARG B 148 -3.08 -17.90 12.79
CA ARG B 148 -3.66 -18.55 13.98
C ARG B 148 -2.76 -19.74 14.52
N THR B 149 -2.28 -20.56 13.60
CA THR B 149 -1.35 -21.66 13.98
C THR B 149 -0.08 -21.15 14.59
N TYR B 150 0.52 -20.16 13.94
CA TYR B 150 1.69 -19.61 14.52
C TYR B 150 1.42 -19.16 15.91
N LEU B 151 0.33 -18.40 16.12
CA LEU B 151 0.11 -17.82 17.41
C LEU B 151 -0.26 -18.89 18.47
N GLN B 152 -1.01 -19.93 18.10
N GLN B 152 -1.01 -19.91 18.05
CA GLN B 152 -1.30 -21.03 19.09
CA GLN B 152 -1.32 -21.05 18.96
C GLN B 152 0.02 -21.65 19.54
C GLN B 152 -0.03 -21.68 19.49
N GLN B 153 0.87 -21.95 18.57
CA GLN B 153 2.11 -22.66 18.86
C GLN B 153 3.08 -21.83 19.67
N VAL B 154 3.27 -20.55 19.27
CA VAL B 154 4.14 -19.65 20.03
C VAL B 154 3.62 -19.42 21.39
N SER B 155 2.31 -19.18 21.51
CA SER B 155 1.75 -18.92 22.79
C SER B 155 2.07 -20.10 23.70
N LEU B 156 1.87 -21.29 23.18
CA LEU B 156 2.08 -22.51 24.01
C LEU B 156 3.56 -22.67 24.41
N ALA B 157 4.42 -22.48 23.44
CA ALA B 157 5.86 -22.66 23.64
C ALA B 157 6.46 -21.58 24.55
N TYR B 158 6.00 -20.33 24.43
CA TYR B 158 6.56 -19.22 25.12
C TYR B 158 5.95 -18.99 26.47
N GLY B 159 4.61 -18.95 26.53
CA GLY B 159 3.89 -18.82 27.81
C GLY B 159 3.91 -17.53 28.54
N LEU B 160 4.45 -16.46 27.92
CA LEU B 160 4.60 -15.13 28.54
C LEU B 160 4.02 -14.08 27.58
N PRO B 161 3.67 -12.91 28.07
CA PRO B 161 3.24 -11.77 27.21
C PRO B 161 4.22 -11.51 26.12
N PHE B 162 3.71 -11.27 24.92
CA PHE B 162 4.56 -10.93 23.74
C PHE B 162 3.71 -10.07 22.77
N GLY B 163 4.36 -9.61 21.71
CA GLY B 163 3.69 -8.79 20.68
C GLY B 163 4.01 -9.27 19.35
N VAL B 164 3.27 -8.72 18.36
CA VAL B 164 3.41 -9.17 17.04
C VAL B 164 3.61 -7.96 16.08
N LYS B 165 4.44 -8.12 15.05
CA LYS B 165 4.71 -7.15 14.00
C LYS B 165 3.87 -7.55 12.79
N MET B 166 2.97 -6.65 12.41
CA MET B 166 1.96 -6.91 11.37
C MET B 166 2.27 -6.15 10.08
N PRO B 167 2.04 -6.80 8.91
CA PRO B 167 2.01 -6.10 7.67
C PRO B 167 0.77 -5.22 7.60
N PRO B 168 0.77 -4.19 6.70
CA PRO B 168 -0.45 -3.39 6.53
C PRO B 168 -1.53 -4.21 5.86
N TYR B 169 -2.74 -3.93 6.24
CA TYR B 169 -3.92 -4.36 5.46
C TYR B 169 -4.58 -3.15 4.83
N PHE B 170 -5.44 -3.47 3.85
CA PHE B 170 -6.01 -2.49 2.94
C PHE B 170 -7.49 -2.65 2.73
N ASP B 171 -8.11 -3.48 3.54
CA ASP B 171 -9.49 -3.89 3.30
C ASP B 171 -10.15 -4.08 4.68
N ILE B 172 -11.33 -3.45 4.89
CA ILE B 172 -11.91 -3.47 6.25
C ILE B 172 -12.23 -4.90 6.70
N ALA B 173 -12.64 -5.76 5.78
CA ALA B 173 -12.93 -7.17 6.15
C ALA B 173 -11.67 -7.87 6.67
N HIS B 174 -10.52 -7.53 6.06
CA HIS B 174 -9.25 -8.04 6.53
C HIS B 174 -8.91 -7.52 7.92
N PHE B 175 -9.08 -6.25 8.16
CA PHE B 175 -8.87 -5.72 9.54
C PHE B 175 -9.74 -6.53 10.52
N ASP B 176 -11.00 -6.68 10.16
CA ASP B 176 -11.93 -7.47 11.05
C ASP B 176 -11.40 -8.89 11.34
N THR B 177 -10.95 -9.61 10.30
CA THR B 177 -10.52 -10.96 10.42
C THR B 177 -9.22 -11.03 11.22
N ALA B 178 -8.26 -10.18 10.88
CA ALA B 178 -6.97 -10.19 11.55
C ALA B 178 -7.06 -9.82 12.99
N ALA B 179 -7.89 -8.84 13.33
CA ALA B 179 -8.00 -8.45 14.72
C ALA B 179 -8.65 -9.54 15.56
N ALA B 180 -9.65 -10.17 14.98
CA ALA B 180 -10.32 -11.33 15.60
C ALA B 180 -9.38 -12.47 15.87
N VAL B 181 -8.52 -12.82 14.93
CA VAL B 181 -7.45 -13.79 15.20
C VAL B 181 -6.59 -13.33 16.40
N LEU B 182 -6.07 -12.08 16.38
CA LEU B 182 -5.18 -11.68 17.43
C LEU B 182 -5.88 -11.72 18.78
N ASN B 183 -7.16 -11.35 18.79
CA ASN B 183 -7.89 -11.31 20.04
C ASN B 183 -8.17 -12.72 20.63
N GLU B 184 -7.92 -13.77 19.90
CA GLU B 184 -8.06 -15.15 20.44
C GLU B 184 -6.88 -15.47 21.31
N PHE B 185 -5.82 -14.63 21.29
CA PHE B 185 -4.57 -14.90 22.08
C PHE B 185 -4.34 -13.87 23.21
N PRO B 186 -4.69 -14.22 24.44
CA PRO B 186 -4.51 -13.27 25.52
C PRO B 186 -3.04 -12.94 25.85
N LEU B 187 -2.10 -13.78 25.41
CA LEU B 187 -0.68 -13.47 25.62
C LEU B 187 -0.14 -12.37 24.64
N VAL B 188 -0.90 -12.09 23.57
CA VAL B 188 -0.47 -11.08 22.60
C VAL B 188 -0.91 -9.75 23.22
N LYS B 189 0.03 -9.01 23.80
CA LYS B 189 -0.28 -7.79 24.52
C LYS B 189 -0.01 -6.53 23.76
N PHE B 190 0.71 -6.64 22.65
CA PHE B 190 0.94 -5.49 21.79
C PHE B 190 0.98 -5.92 20.34
N VAL B 191 0.52 -5.00 19.50
CA VAL B 191 0.46 -5.21 18.05
C VAL B 191 1.22 -4.04 17.46
N THR B 192 2.24 -4.31 16.64
CA THR B 192 2.99 -3.28 15.96
C THR B 192 2.52 -3.16 14.53
N CYS B 193 1.98 -1.98 14.20
CA CYS B 193 1.42 -1.69 12.85
C CYS B 193 2.20 -0.52 12.37
N VAL B 194 2.96 -0.61 11.30
CA VAL B 194 3.06 -1.68 10.37
C VAL B 194 4.51 -1.95 9.90
N ASN B 195 4.71 -3.12 9.34
CA ASN B 195 5.85 -3.48 8.53
C ASN B 195 5.74 -2.77 7.16
N SER B 196 6.70 -2.98 6.30
CA SER B 196 6.73 -2.21 5.07
C SER B 196 5.58 -2.55 4.18
N VAL B 197 5.24 -1.65 3.28
CA VAL B 197 4.20 -1.93 2.33
C VAL B 197 4.81 -2.81 1.25
N GLY B 198 4.27 -4.00 1.10
CA GLY B 198 4.97 -5.02 0.39
C GLY B 198 5.14 -4.86 -1.10
N ASN B 199 6.29 -5.32 -1.59
CA ASN B 199 6.46 -5.47 -3.01
C ASN B 199 6.13 -4.23 -3.86
N GLY B 200 6.68 -3.08 -3.49
CA GLY B 200 6.74 -1.98 -4.42
C GLY B 200 7.94 -2.13 -5.36
N LEU B 201 8.01 -1.20 -6.30
CA LEU B 201 8.98 -1.20 -7.38
C LEU B 201 9.39 0.26 -7.67
N VAL B 202 10.63 0.56 -7.34
CA VAL B 202 11.25 1.89 -7.66
C VAL B 202 12.13 1.70 -8.90
N ILE B 203 11.94 2.57 -9.86
CA ILE B 203 12.70 2.59 -11.14
C ILE B 203 13.35 3.95 -11.25
N ASP B 204 14.62 3.92 -11.66
CA ASP B 204 15.40 5.11 -11.95
C ASP B 204 15.26 5.47 -13.43
N ALA B 205 14.71 6.64 -13.67
CA ALA B 205 14.45 7.06 -15.02
C ALA B 205 15.73 7.18 -15.86
N GLU B 206 16.78 7.74 -15.31
CA GLU B 206 18.00 7.94 -16.10
C GLU B 206 18.62 6.61 -16.59
N SER B 207 18.75 5.66 -15.69
CA SER B 207 19.35 4.40 -16.02
C SER B 207 18.32 3.42 -16.57
N GLU B 208 17.05 3.73 -16.44
CA GLU B 208 15.99 2.88 -16.92
C GLU B 208 16.09 1.48 -16.11
N SER B 209 16.45 1.41 -14.89
N SER B 209 16.53 1.29 -14.84
CA SER B 209 16.76 0.23 -14.14
CA SER B 209 16.71 0.08 -14.13
C SER B 209 16.03 0.30 -12.82
C SER B 209 16.04 0.24 -12.83
N VAL B 210 15.67 -0.86 -12.29
CA VAL B 210 15.26 -0.94 -10.87
C VAL B 210 16.51 -0.64 -10.00
N VAL B 211 16.30 -0.43 -8.72
CA VAL B 211 17.32 0.16 -7.88
C VAL B 211 17.85 -0.79 -6.82
N ILE B 212 17.17 -1.92 -6.63
CA ILE B 212 17.66 -3.00 -5.85
C ILE B 212 17.73 -4.29 -6.69
N LYS B 213 18.70 -5.10 -6.32
CA LYS B 213 19.04 -6.37 -7.06
C LYS B 213 18.15 -7.55 -6.81
N PRO B 214 17.75 -7.83 -5.55
CA PRO B 214 16.92 -9.02 -5.31
C PRO B 214 15.54 -8.86 -5.93
N LYS B 215 14.93 -9.99 -6.26
CA LYS B 215 13.53 -10.07 -6.61
C LYS B 215 13.15 -9.16 -7.80
N GLN B 216 14.07 -8.99 -8.76
CA GLN B 216 13.85 -8.11 -9.91
C GLN B 216 13.45 -6.66 -9.57
N GLY B 217 13.91 -6.23 -8.39
CA GLY B 217 13.75 -4.89 -7.98
C GLY B 217 12.57 -4.68 -7.03
N PHE B 218 11.79 -5.70 -6.74
CA PHE B 218 10.55 -5.62 -5.90
C PHE B 218 10.99 -5.63 -4.41
N GLY B 219 10.49 -4.72 -3.60
CA GLY B 219 10.78 -4.75 -2.14
C GLY B 219 9.83 -3.95 -1.34
N GLY B 220 9.91 -4.06 -0.03
CA GLY B 220 8.98 -3.38 0.82
C GLY B 220 9.27 -1.88 0.91
N LEU B 221 8.22 -1.08 0.95
CA LEU B 221 8.34 0.33 1.04
C LEU B 221 8.18 0.85 2.46
N GLY B 222 9.00 1.81 2.75
CA GLY B 222 8.93 2.54 4.00
C GLY B 222 8.99 4.05 3.75
N GLY B 223 8.75 4.81 4.81
CA GLY B 223 8.94 6.25 4.78
C GLY B 223 7.66 7.03 4.44
N LYS B 224 7.82 8.19 3.81
CA LYS B 224 6.67 9.08 3.55
C LYS B 224 5.58 8.45 2.73
N TYR B 225 5.91 7.53 1.81
CA TYR B 225 4.95 6.84 1.06
C TYR B 225 3.86 6.19 1.93
N ILE B 226 4.22 5.77 3.17
CA ILE B 226 3.34 4.81 3.88
C ILE B 226 2.62 5.37 5.13
N LEU B 227 2.78 6.64 5.39
CA LEU B 227 2.25 7.21 6.63
C LEU B 227 0.71 7.04 6.75
N PRO B 228 -0.06 7.39 5.68
CA PRO B 228 -1.52 7.23 5.87
C PRO B 228 -1.98 5.76 5.99
N THR B 229 -1.26 4.85 5.31
CA THR B 229 -1.48 3.42 5.47
C THR B 229 -1.19 3.01 6.93
N ALA B 230 -0.05 3.43 7.44
CA ALA B 230 0.36 3.10 8.84
C ALA B 230 -0.68 3.63 9.86
N LEU B 231 -1.07 4.91 9.72
CA LEU B 231 -2.10 5.51 10.58
C LEU B 231 -3.38 4.71 10.52
N ALA B 232 -3.79 4.29 9.32
CA ALA B 232 -5.06 3.50 9.22
C ALA B 232 -4.97 2.20 9.93
N ASN B 233 -3.81 1.55 9.81
CA ASN B 233 -3.67 0.28 10.48
C ASN B 233 -3.57 0.41 12.00
N VAL B 234 -2.87 1.40 12.46
CA VAL B 234 -2.78 1.67 13.91
C VAL B 234 -4.21 1.89 14.43
N ASN B 235 -4.94 2.74 13.77
CA ASN B 235 -6.26 3.07 14.25
C ASN B 235 -7.25 1.89 14.18
N ALA B 236 -7.16 1.13 13.11
CA ALA B 236 -8.07 0.00 12.94
C ALA B 236 -7.87 -1.06 14.00
N PHE B 237 -6.61 -1.33 14.36
CA PHE B 237 -6.28 -2.28 15.41
C PHE B 237 -6.56 -1.69 16.80
N TYR B 238 -6.31 -0.41 16.98
CA TYR B 238 -6.54 0.24 18.25
C TYR B 238 -8.05 0.11 18.56
N ARG B 239 -8.85 0.32 17.52
CA ARG B 239 -10.30 0.19 17.68
C ARG B 239 -10.75 -1.26 17.97
N ARG B 240 -10.12 -2.20 17.32
CA ARG B 240 -10.57 -3.60 17.37
C ARG B 240 -9.94 -4.39 18.50
N CYS B 241 -8.89 -3.91 19.12
CA CYS B 241 -8.11 -4.69 20.13
C CYS B 241 -8.03 -3.86 21.41
N PRO B 242 -9.20 -3.66 22.05
CA PRO B 242 -9.18 -2.77 23.20
C PRO B 242 -8.39 -3.28 24.41
N ASP B 243 -8.10 -4.58 24.49
CA ASP B 243 -7.34 -5.13 25.59
C ASP B 243 -5.86 -5.33 25.25
N LYS B 244 -5.41 -4.80 24.09
CA LYS B 244 -4.01 -4.80 23.71
C LYS B 244 -3.50 -3.43 23.56
N LEU B 245 -2.18 -3.31 23.50
CA LEU B 245 -1.59 -2.05 23.13
C LEU B 245 -1.31 -2.12 21.62
N VAL B 246 -1.27 -0.95 20.97
CA VAL B 246 -0.82 -0.82 19.57
C VAL B 246 0.46 0.06 19.57
N PHE B 247 1.50 -0.39 18.87
CA PHE B 247 2.73 0.32 18.62
C PHE B 247 2.68 0.79 17.15
N GLY B 248 2.98 2.07 16.88
CA GLY B 248 2.91 2.60 15.60
C GLY B 248 4.27 2.58 14.92
N CYS B 249 4.29 2.23 13.64
CA CYS B 249 5.48 2.24 12.85
C CYS B 249 5.06 2.59 11.44
N GLY B 250 5.75 3.54 10.84
CA GLY B 250 5.56 3.83 9.42
C GLY B 250 5.49 5.32 9.14
N GLY B 251 6.48 5.80 8.41
CA GLY B 251 6.46 7.16 7.98
C GLY B 251 6.70 8.22 9.03
N VAL B 252 7.37 7.85 10.15
CA VAL B 252 7.68 8.87 11.12
C VAL B 252 8.99 9.55 10.78
N TYR B 253 8.94 10.86 10.46
CA TYR B 253 10.11 11.70 10.31
C TYR B 253 10.16 12.87 11.32
N SER B 254 9.07 13.17 12.02
CA SER B 254 8.95 14.39 12.81
C SER B 254 8.11 14.10 14.03
N GLY B 255 8.16 15.01 15.00
CA GLY B 255 7.28 14.87 16.15
C GLY B 255 5.82 15.00 15.76
N GLU B 256 5.55 15.78 14.71
CA GLU B 256 4.16 15.85 14.22
C GLU B 256 3.68 14.49 13.73
N ASP B 257 4.54 13.82 12.97
CA ASP B 257 4.17 12.48 12.52
C ASP B 257 3.90 11.51 13.69
N ALA B 258 4.74 11.60 14.73
CA ALA B 258 4.57 10.82 15.93
C ALA B 258 3.30 11.16 16.65
N PHE B 259 3.02 12.46 16.67
CA PHE B 259 1.76 12.99 17.25
C PHE B 259 0.54 12.34 16.56
N LEU B 260 0.60 12.23 15.23
CA LEU B 260 -0.49 11.60 14.47
C LEU B 260 -0.62 10.11 14.76
N HIS B 261 0.49 9.39 14.83
CA HIS B 261 0.42 8.01 15.29
C HIS B 261 -0.24 7.81 16.69
N ILE B 262 0.11 8.67 17.65
CA ILE B 262 -0.43 8.55 19.01
C ILE B 262 -1.93 8.90 18.99
N LEU B 263 -2.29 9.92 18.24
CA LEU B 263 -3.74 10.25 18.09
C LEU B 263 -4.52 9.09 17.58
N ALA B 264 -3.92 8.36 16.62
CA ALA B 264 -4.49 7.16 16.02
C ALA B 264 -4.57 5.97 16.98
N GLY B 265 -3.74 5.97 18.03
CA GLY B 265 -3.81 4.96 19.06
C GLY B 265 -2.47 4.41 19.59
N ALA B 266 -1.35 4.82 18.98
CA ALA B 266 -0.05 4.28 19.27
C ALA B 266 0.41 4.56 20.73
N SER B 267 0.97 3.51 21.30
CA SER B 267 1.60 3.65 22.65
C SER B 267 3.09 3.91 22.45
N MET B 268 3.77 3.02 21.76
CA MET B 268 5.17 3.32 21.38
C MET B 268 5.10 3.71 19.88
N VAL B 269 6.12 4.43 19.44
CA VAL B 269 6.30 4.88 18.06
C VAL B 269 7.70 4.48 17.59
N GLN B 270 7.73 3.72 16.51
CA GLN B 270 8.96 3.17 15.98
C GLN B 270 9.35 3.94 14.74
N VAL B 271 10.69 4.01 14.52
CA VAL B 271 11.24 4.83 13.51
C VAL B 271 12.18 3.93 12.67
N GLY B 272 11.90 3.79 11.36
CA GLY B 272 12.70 2.95 10.50
C GLY B 272 13.50 3.78 9.52
N THR B 273 12.92 4.05 8.35
CA THR B 273 13.60 4.77 7.25
C THR B 273 14.22 6.05 7.72
N ALA B 274 13.48 6.87 8.47
CA ALA B 274 14.00 8.16 8.83
C ALA B 274 15.28 8.05 9.75
N LEU B 275 15.26 7.02 10.56
CA LEU B 275 16.39 6.68 11.45
C LEU B 275 17.58 6.16 10.59
N GLN B 276 17.27 5.28 9.66
CA GLN B 276 18.32 4.79 8.71
C GLN B 276 18.98 6.00 8.02
N GLU B 277 18.20 7.02 7.69
CA GLU B 277 18.74 8.09 6.92
C GLU B 277 19.40 9.15 7.74
N GLU B 278 18.85 9.47 8.92
CA GLU B 278 19.32 10.60 9.75
C GLU B 278 20.29 10.16 10.85
N GLY B 279 20.18 8.94 11.28
CA GLY B 279 21.01 8.42 12.34
C GLY B 279 20.30 8.69 13.71
N PRO B 280 20.89 8.19 14.78
CA PRO B 280 20.27 8.15 16.10
C PRO B 280 20.03 9.50 16.79
N GLY B 281 20.65 10.53 16.25
CA GLY B 281 20.35 11.89 16.71
C GLY B 281 18.89 12.27 16.46
N ILE B 282 18.24 11.58 15.52
CA ILE B 282 16.85 11.84 15.28
C ILE B 282 15.99 11.76 16.56
N PHE B 283 16.38 10.96 17.54
CA PHE B 283 15.49 10.74 18.69
C PHE B 283 15.40 11.99 19.56
N THR B 284 16.45 12.80 19.65
CA THR B 284 16.37 14.04 20.45
C THR B 284 15.48 15.09 19.73
N ARG B 285 15.55 15.11 18.41
CA ARG B 285 14.74 16.00 17.60
C ARG B 285 13.26 15.55 17.70
N LEU B 286 12.97 14.28 17.58
CA LEU B 286 11.60 13.83 17.64
C LEU B 286 10.97 14.17 19.02
N GLU B 287 11.69 13.92 20.10
CA GLU B 287 11.19 14.23 21.46
C GLU B 287 10.89 15.72 21.60
N ASP B 288 11.84 16.55 21.17
CA ASP B 288 11.71 18.03 21.25
C ASP B 288 10.48 18.48 20.48
N GLU B 289 10.33 17.96 19.24
CA GLU B 289 9.24 18.31 18.38
C GLU B 289 7.88 17.87 18.95
N LEU B 290 7.78 16.67 19.50
CA LEU B 290 6.55 16.14 20.07
C LEU B 290 6.19 16.98 21.34
N LEU B 291 7.20 17.34 22.14
CA LEU B 291 6.92 18.11 23.34
C LEU B 291 6.47 19.51 22.97
N GLU B 292 7.00 20.07 21.87
CA GLU B 292 6.58 21.40 21.42
C GLU B 292 5.13 21.40 20.94
N ILE B 293 4.76 20.38 20.17
CA ILE B 293 3.34 20.24 19.72
C ILE B 293 2.38 20.09 20.91
N MET B 294 2.75 19.23 21.84
CA MET B 294 2.06 19.10 23.12
C MET B 294 1.86 20.42 23.85
N ALA B 295 2.94 21.16 24.07
CA ALA B 295 2.89 22.44 24.80
C ALA B 295 2.00 23.41 24.06
N ARG B 296 2.11 23.52 22.74
CA ARG B 296 1.24 24.42 21.99
C ARG B 296 -0.25 24.09 22.10
N LYS B 297 -0.59 22.81 22.27
CA LYS B 297 -1.93 22.36 22.37
C LYS B 297 -2.46 22.34 23.82
N GLY B 298 -1.58 22.48 24.78
CA GLY B 298 -1.92 22.34 26.19
C GLY B 298 -1.96 20.95 26.69
N TYR B 299 -1.37 19.95 25.98
CA TYR B 299 -1.38 18.60 26.46
C TYR B 299 -0.19 18.39 27.39
N ARG B 300 -0.43 17.79 28.52
CA ARG B 300 0.69 17.46 29.44
C ARG B 300 1.12 15.98 29.47
N THR B 301 0.30 15.09 28.96
CA THR B 301 0.53 13.72 28.92
C THR B 301 0.13 13.17 27.53
N LEU B 302 0.68 12.00 27.20
CA LEU B 302 0.30 11.27 25.99
C LEU B 302 -1.06 10.71 26.14
N GLU B 303 -1.43 10.30 27.38
CA GLU B 303 -2.74 9.66 27.62
C GLU B 303 -3.90 10.61 27.30
N GLU B 304 -3.64 11.90 27.38
CA GLU B 304 -4.69 12.90 27.12
C GLU B 304 -5.16 12.92 25.69
N PHE B 305 -4.30 12.46 24.81
CA PHE B 305 -4.69 12.42 23.34
C PHE B 305 -4.52 11.08 22.61
N ARG B 306 -3.96 10.06 23.26
CA ARG B 306 -3.75 8.80 22.65
C ARG B 306 -5.10 8.24 22.21
N GLY B 307 -5.20 7.90 20.92
CA GLY B 307 -6.42 7.31 20.42
C GLY B 307 -7.59 8.27 20.25
N ARG B 308 -7.36 9.54 20.44
CA ARG B 308 -8.48 10.51 20.40
C ARG B 308 -8.68 11.27 19.11
N VAL B 309 -8.16 10.73 18.00
CA VAL B 309 -8.47 11.28 16.68
C VAL B 309 -9.98 11.49 16.55
N LYS B 310 -10.38 12.66 16.10
CA LYS B 310 -11.77 12.99 15.94
C LYS B 310 -12.25 12.53 14.55
N THR B 311 -13.45 11.99 14.49
CA THR B 311 -14.11 11.69 13.17
C THR B 311 -15.08 12.84 12.85
N ILE B 312 -15.64 12.87 11.65
CA ILE B 312 -16.56 13.95 11.27
C ILE B 312 -18.04 13.45 11.33
N GLU B 313 -18.81 14.25 12.06
N GLU B 313 -18.82 13.95 12.30
CA GLU B 313 -20.23 14.16 12.21
CA GLU B 313 -20.12 14.75 12.19
C GLU B 313 -20.56 12.90 12.95
C GLU B 313 -20.39 15.12 13.64
#